data_7AP3
#
_entry.id   7AP3
#
_cell.length_a   82.166
_cell.length_b   65.124
_cell.length_c   90.978
_cell.angle_alpha   90.000
_cell.angle_beta   101.330
_cell.angle_gamma   90.000
#
_symmetry.space_group_name_H-M   'P 1 21 1'
#
loop_
_entity.id
_entity.type
_entity.pdbx_description
1 polymer 'Tyrosine--tRNA ligase'
2 non-polymer '[(2~{R},3~{S},4~{R},5~{R})-5-[7-azanyl-5-(hydroxymethyl)benzimidazol-1-yl]-3,4-bis(oxidanyl)oxolan-2-yl]methyl ~{N}-[(2~{S})-2-azanyl-3-(4-hydroxyphenyl)propanoyl]sulfamate'
3 non-polymer 'SODIUM ION'
4 water water
#
_entity_poly.entity_id   1
_entity_poly.type   'polypeptide(L)'
_entity_poly.pdbx_seq_one_letter_code
;MASSNLIKQLQERGLVAQVTDEEALAERLAQGPIALYCGFDPTADSLHLGHLVPLLCLKRFQQAGHKPVALVGGATGLIG
DPSFKAAERKLNTEETVQEWVDKIRKQVAPFLDFDCGENSAIAANNYDWFGNMNVLTFLRDIGKHFSVNQMINKEAVKQR
LNREDQGISFTEFSYNLLQGYDFACLNKQYGVVLQIGGSDQWGNITSGIDLTRRLHQNQVFGLTVPLITKADGTKFGKTE
GGAVWLDPKKTSPYKFYQFWINTADADVYRFLKFFTFMSIEEINALEEEDKNSGKAPRAQYVLAEQVTRLVHGEEGLQAA
KRITECLFSGSLSALSEADFEQLAQDGVPMVEMEKGADLMQALVDSELQPSRGQARKTIASNAITINGEKQSDPEYFFKE
EERLFGRFTLLRRGKKNYCLICWK
;
_entity_poly.pdbx_strand_id   A,B
#
# COMPACT_ATOMS: atom_id res chain seq x y z
N ASN A 5 -1.40 -28.22 30.72
CA ASN A 5 -1.54 -27.22 29.67
C ASN A 5 -0.30 -27.17 28.77
N LEU A 6 -0.48 -27.44 27.47
CA LEU A 6 0.63 -27.31 26.54
C LEU A 6 1.26 -25.93 26.63
N ILE A 7 0.44 -24.88 26.64
CA ILE A 7 0.96 -23.53 26.82
C ILE A 7 1.80 -23.45 28.09
N LYS A 8 1.31 -24.05 29.18
CA LYS A 8 2.05 -23.99 30.42
C LYS A 8 3.40 -24.69 30.31
N GLN A 9 3.43 -25.83 29.61
CA GLN A 9 4.69 -26.53 29.43
C GLN A 9 5.68 -25.68 28.65
N LEU A 10 5.22 -25.06 27.58
CA LEU A 10 6.10 -24.21 26.80
C LEU A 10 6.62 -23.05 27.62
N GLN A 11 5.83 -22.55 28.58
CA GLN A 11 6.29 -21.43 29.40
C GLN A 11 7.45 -21.81 30.30
N GLU A 12 7.42 -23.02 30.86
CA GLU A 12 8.54 -23.44 31.71
C GLU A 12 9.78 -23.76 30.89
N ARG A 13 9.64 -23.97 29.58
CA ARG A 13 10.82 -24.03 28.71
C ARG A 13 11.32 -22.64 28.33
N GLY A 14 10.55 -21.59 28.59
CA GLY A 14 10.93 -20.27 28.17
C GLY A 14 10.54 -19.93 26.75
N LEU A 15 9.62 -20.70 26.17
CA LEU A 15 9.34 -20.60 24.75
C LEU A 15 8.12 -19.75 24.42
N VAL A 16 7.55 -19.06 25.40
CA VAL A 16 6.37 -18.24 25.16
C VAL A 16 6.74 -16.78 25.43
N ALA A 17 6.82 -15.98 24.37
CA ALA A 17 6.90 -14.53 24.57
C ALA A 17 5.51 -13.98 24.90
N GLN A 18 4.61 -13.98 23.93
CA GLN A 18 3.27 -13.44 24.11
C GLN A 18 2.25 -14.38 23.51
N VAL A 19 1.01 -14.27 23.98
CA VAL A 19 -0.10 -15.09 23.50
C VAL A 19 -1.39 -14.29 23.58
N THR A 20 -2.18 -14.32 22.50
CA THR A 20 -3.45 -13.61 22.45
C THR A 20 -4.55 -14.46 23.08
N ASP A 21 -5.40 -13.81 23.89
CA ASP A 21 -6.50 -14.46 24.61
C ASP A 21 -6.08 -15.83 25.16
N GLU A 22 -5.15 -15.85 26.11
CA GLU A 22 -4.55 -17.11 26.56
C GLU A 22 -5.60 -18.10 27.06
N GLU A 23 -6.59 -17.64 27.82
CA GLU A 23 -7.54 -18.60 28.39
C GLU A 23 -8.38 -19.26 27.30
N ALA A 24 -8.81 -18.51 26.30
CA ALA A 24 -9.59 -19.10 25.22
C ALA A 24 -8.75 -20.08 24.42
N LEU A 25 -7.52 -19.69 24.07
CA LEU A 25 -6.64 -20.58 23.32
C LEU A 25 -6.38 -21.87 24.09
N ALA A 26 -6.15 -21.77 25.40
CA ALA A 26 -5.87 -22.96 26.18
C ALA A 26 -7.08 -23.89 26.23
N GLU A 27 -8.29 -23.33 26.34
CA GLU A 27 -9.47 -24.18 26.31
C GLU A 27 -9.61 -24.87 24.96
N ARG A 28 -9.19 -24.22 23.88
CA ARG A 28 -9.29 -24.85 22.57
C ARG A 28 -8.26 -25.95 22.41
N LEU A 29 -7.10 -25.81 23.05
CA LEU A 29 -6.08 -26.87 23.00
C LEU A 29 -6.48 -28.07 23.85
N ALA A 30 -6.95 -27.81 25.08
CA ALA A 30 -7.46 -28.90 25.90
C ALA A 30 -8.67 -29.57 25.27
N GLN A 31 -9.46 -28.82 24.50
CA GLN A 31 -10.65 -29.41 23.89
C GLN A 31 -10.28 -30.51 22.90
N GLY A 32 -9.25 -30.30 22.10
CA GLY A 32 -8.84 -31.26 21.12
C GLY A 32 -7.77 -30.73 20.19
N PRO A 33 -7.45 -31.50 19.16
CA PRO A 33 -6.43 -31.07 18.18
C PRO A 33 -6.84 -29.81 17.43
N ILE A 34 -5.93 -28.84 17.38
CA ILE A 34 -6.10 -27.66 16.55
C ILE A 34 -5.09 -27.71 15.41
N ALA A 35 -5.29 -26.85 14.42
CA ALA A 35 -4.32 -26.67 13.36
C ALA A 35 -3.64 -25.31 13.54
N LEU A 36 -2.31 -25.27 13.36
CA LEU A 36 -1.52 -24.07 13.59
C LEU A 36 -0.51 -23.90 12.47
N TYR A 37 0.09 -22.72 12.38
CA TYR A 37 1.08 -22.51 11.32
C TYR A 37 2.14 -21.51 11.72
N CYS A 38 3.24 -21.59 10.99
CA CYS A 38 4.35 -20.66 11.04
C CYS A 38 4.90 -20.51 9.63
N GLY A 39 5.27 -19.28 9.28
CA GLY A 39 5.79 -18.97 7.97
C GLY A 39 7.28 -18.75 7.98
N PHE A 40 7.91 -19.03 6.85
CA PHE A 40 9.35 -18.84 6.68
C PHE A 40 9.59 -18.15 5.35
N ASP A 41 10.22 -16.93 5.39
CA ASP A 41 10.38 -16.33 4.07
C ASP A 41 11.71 -16.75 3.44
N PRO A 42 11.76 -16.88 2.11
CA PRO A 42 13.02 -17.23 1.44
C PRO A 42 13.92 -16.02 1.19
N THR A 43 14.86 -15.76 2.09
CA THR A 43 15.83 -14.69 1.87
C THR A 43 17.24 -15.21 1.67
N ALA A 44 17.44 -16.53 1.71
CA ALA A 44 18.76 -17.10 1.52
C ALA A 44 18.62 -18.55 1.06
N ASP A 45 19.78 -19.12 0.73
CA ASP A 45 19.97 -20.51 0.35
C ASP A 45 19.42 -21.51 1.36
N SER A 46 19.33 -21.11 2.62
CA SER A 46 19.11 -22.08 3.67
C SER A 46 18.56 -21.36 4.88
N LEU A 47 17.92 -22.11 5.77
CA LEU A 47 17.61 -21.57 7.08
C LEU A 47 18.85 -21.63 7.98
N HIS A 48 18.77 -20.91 9.11
CA HIS A 48 19.85 -20.99 10.10
C HIS A 48 19.25 -21.29 11.47
N LEU A 49 20.11 -21.26 12.49
CA LEU A 49 19.71 -21.69 13.84
C LEU A 49 18.50 -20.94 14.35
N GLY A 50 18.45 -19.63 14.12
CA GLY A 50 17.34 -18.84 14.61
C GLY A 50 15.99 -19.39 14.17
N HIS A 51 15.94 -19.89 12.94
CA HIS A 51 14.70 -20.44 12.40
C HIS A 51 14.25 -21.70 13.13
N LEU A 52 15.19 -22.46 13.70
CA LEU A 52 14.82 -23.67 14.42
C LEU A 52 13.90 -23.37 15.59
N VAL A 53 13.99 -22.16 16.16
CA VAL A 53 13.27 -21.87 17.39
C VAL A 53 11.78 -22.02 17.17
N PRO A 54 11.16 -21.32 16.21
CA PRO A 54 9.73 -21.59 15.93
C PRO A 54 9.53 -22.89 15.18
N LEU A 55 10.49 -23.31 14.38
CA LEU A 55 10.29 -24.55 13.64
C LEU A 55 10.23 -25.75 14.57
N LEU A 56 11.09 -25.79 15.58
CA LEU A 56 10.97 -26.90 16.53
C LEU A 56 9.73 -26.72 17.40
N CYS A 57 9.21 -25.50 17.54
CA CYS A 57 7.97 -25.32 18.28
C CYS A 57 6.78 -25.93 17.54
N LEU A 58 6.78 -25.84 16.20
CA LEU A 58 5.77 -26.55 15.42
C LEU A 58 5.74 -28.02 15.78
N LYS A 59 6.94 -28.64 15.92
CA LYS A 59 7.03 -30.05 16.25
C LYS A 59 6.55 -30.33 17.67
N ARG A 60 6.89 -29.44 18.60
CA ARG A 60 6.35 -29.59 19.95
C ARG A 60 4.83 -29.58 19.93
N PHE A 61 4.21 -28.67 19.14
CA PHE A 61 2.75 -28.68 19.03
C PHE A 61 2.25 -30.00 18.45
N GLN A 62 2.89 -30.47 17.37
CA GLN A 62 2.50 -31.73 16.76
C GLN A 62 2.59 -32.90 17.74
N GLN A 63 3.64 -32.91 18.57
CA GLN A 63 3.79 -34.01 19.53
C GLN A 63 2.66 -34.03 20.55
N ALA A 64 1.96 -32.92 20.74
CA ALA A 64 0.78 -32.87 21.59
C ALA A 64 -0.51 -33.20 20.84
N GLY A 65 -0.44 -33.57 19.56
CA GLY A 65 -1.61 -33.98 18.80
C GLY A 65 -2.11 -32.95 17.78
N HIS A 66 -1.56 -31.75 17.80
CA HIS A 66 -2.03 -30.70 16.91
C HIS A 66 -1.35 -30.82 15.54
N LYS A 67 -1.87 -30.05 14.59
CA LYS A 67 -1.49 -30.22 13.19
C LYS A 67 -0.71 -29.01 12.69
N PRO A 68 0.57 -29.17 12.38
CA PRO A 68 1.38 -28.01 11.99
C PRO A 68 1.40 -27.78 10.48
N VAL A 69 1.39 -26.50 10.12
CA VAL A 69 1.44 -26.06 8.74
C VAL A 69 2.69 -25.20 8.63
N ALA A 70 3.63 -25.61 7.78
CA ALA A 70 4.86 -24.87 7.57
C ALA A 70 4.75 -24.15 6.23
N LEU A 71 4.65 -22.82 6.29
CA LEU A 71 4.46 -22.03 5.09
C LEU A 71 5.80 -21.43 4.66
N VAL A 72 6.09 -21.53 3.36
CA VAL A 72 7.23 -20.87 2.75
C VAL A 72 6.70 -19.70 1.94
N GLY A 73 7.27 -18.51 2.18
CA GLY A 73 6.77 -17.29 1.57
C GLY A 73 7.15 -17.07 0.11
N GLY A 74 6.63 -17.91 -0.79
CA GLY A 74 6.86 -17.70 -2.21
C GLY A 74 6.48 -16.31 -2.68
N ALA A 75 5.42 -15.74 -2.11
CA ALA A 75 4.99 -14.39 -2.49
C ALA A 75 5.63 -13.33 -1.62
N THR A 76 5.56 -13.50 -0.29
CA THR A 76 6.09 -12.48 0.62
C THR A 76 7.60 -12.32 0.49
N GLY A 77 8.31 -13.38 0.08
CA GLY A 77 9.72 -13.22 -0.26
C GLY A 77 9.98 -12.36 -1.48
N LEU A 78 8.97 -12.08 -2.29
CA LEU A 78 9.12 -11.15 -3.40
C LEU A 78 8.83 -9.72 -2.96
N ILE A 79 8.55 -9.52 -1.67
CA ILE A 79 8.14 -8.22 -1.14
C ILE A 79 9.11 -7.74 -0.06
N GLY A 80 9.46 -8.62 0.89
CA GLY A 80 10.43 -8.30 1.93
C GLY A 80 9.84 -7.83 3.23
N ASP A 81 10.01 -8.61 4.31
CA ASP A 81 9.50 -8.27 5.64
C ASP A 81 10.38 -7.20 6.26
N PRO A 82 9.87 -6.00 6.55
CA PRO A 82 10.71 -4.97 7.16
C PRO A 82 10.84 -5.10 8.67
N SER A 83 10.10 -6.02 9.30
CA SER A 83 9.87 -5.98 10.75
C SER A 83 11.18 -5.95 11.52
N PHE A 84 11.38 -4.87 12.28
CA PHE A 84 12.57 -4.69 13.14
C PHE A 84 13.88 -4.80 12.35
N LYS A 85 13.84 -4.48 11.06
CA LYS A 85 15.05 -4.38 10.26
C LYS A 85 15.39 -2.91 10.07
N ALA A 86 16.67 -2.59 10.16
CA ALA A 86 17.07 -1.19 10.12
C ALA A 86 17.00 -0.59 8.73
N ALA A 87 17.10 -1.41 7.69
CA ALA A 87 17.31 -0.91 6.34
C ALA A 87 16.48 -1.67 5.32
N GLU A 88 15.99 -0.94 4.32
CA GLU A 88 15.34 -1.53 3.17
C GLU A 88 16.23 -2.58 2.51
N ARG A 89 15.64 -3.72 2.16
CA ARG A 89 16.37 -4.75 1.42
C ARG A 89 16.10 -4.58 -0.07
N LYS A 90 17.10 -4.97 -0.88
CA LYS A 90 16.91 -4.97 -2.33
C LYS A 90 15.97 -6.11 -2.72
N LEU A 91 15.09 -5.84 -3.71
CA LEU A 91 14.19 -6.87 -4.22
C LEU A 91 14.99 -8.03 -4.80
N ASN A 92 14.53 -9.26 -4.57
CA ASN A 92 15.14 -10.41 -5.23
C ASN A 92 14.35 -10.78 -6.48
N THR A 93 15.02 -11.48 -7.40
CA THR A 93 14.34 -11.89 -8.63
C THR A 93 13.45 -13.09 -8.39
N GLU A 94 12.38 -13.20 -9.20
CA GLU A 94 11.50 -14.35 -9.08
C GLU A 94 12.27 -15.66 -9.22
N GLU A 95 13.23 -15.69 -10.15
CA GLU A 95 13.99 -16.93 -10.40
C GLU A 95 14.77 -17.34 -9.15
N THR A 96 15.51 -16.40 -8.55
CA THR A 96 16.27 -16.69 -7.34
C THR A 96 15.35 -17.10 -6.19
N VAL A 97 14.23 -16.39 -6.02
CA VAL A 97 13.32 -16.69 -4.91
C VAL A 97 12.78 -18.11 -5.05
N GLN A 98 12.39 -18.50 -6.26
CA GLN A 98 11.84 -19.85 -6.46
C GLN A 98 12.87 -20.92 -6.10
N GLU A 99 14.11 -20.75 -6.55
CA GLU A 99 15.10 -21.76 -6.20
C GLU A 99 15.32 -21.79 -4.69
N TRP A 100 15.29 -20.63 -4.03
CA TRP A 100 15.40 -20.62 -2.57
C TRP A 100 14.18 -21.25 -1.91
N VAL A 101 13.00 -21.08 -2.51
CA VAL A 101 11.78 -21.62 -1.91
C VAL A 101 11.84 -23.14 -1.87
N ASP A 102 12.33 -23.74 -2.96
CA ASP A 102 12.43 -25.20 -3.03
C ASP A 102 13.46 -25.72 -2.05
N LYS A 103 14.57 -25.01 -1.89
CA LYS A 103 15.59 -25.51 -0.95
C LYS A 103 15.10 -25.41 0.48
N ILE A 104 14.42 -24.31 0.81
CA ILE A 104 13.94 -24.14 2.18
C ILE A 104 12.80 -25.12 2.48
N ARG A 105 11.94 -25.38 1.49
CA ARG A 105 10.87 -26.35 1.72
C ARG A 105 11.45 -27.72 2.04
N LYS A 106 12.51 -28.12 1.34
CA LYS A 106 13.14 -29.43 1.57
C LYS A 106 13.95 -29.46 2.86
N GLN A 107 14.42 -28.30 3.33
CA GLN A 107 15.12 -28.25 4.61
C GLN A 107 14.15 -28.40 5.77
N VAL A 108 12.96 -27.80 5.64
CA VAL A 108 11.97 -27.78 6.71
C VAL A 108 11.38 -29.18 6.91
N ALA A 109 11.08 -29.87 5.82
CA ALA A 109 10.26 -31.08 5.88
C ALA A 109 10.73 -32.15 6.86
N PRO A 110 12.02 -32.48 7.00
CA PRO A 110 12.40 -33.55 7.94
C PRO A 110 12.17 -33.19 9.40
N PHE A 111 11.98 -31.92 9.74
CA PHE A 111 11.77 -31.57 11.14
C PHE A 111 10.32 -31.79 11.60
N LEU A 112 9.40 -32.13 10.69
CA LEU A 112 8.01 -32.35 11.04
C LEU A 112 7.55 -33.69 10.50
N ASP A 113 6.55 -34.30 11.17
CA ASP A 113 6.01 -35.57 10.70
C ASP A 113 4.92 -35.32 9.68
N PHE A 114 5.15 -35.80 8.45
CA PHE A 114 4.17 -35.73 7.37
C PHE A 114 3.37 -37.03 7.25
N ASP A 115 3.49 -37.94 8.22
CA ASP A 115 2.84 -39.24 8.14
C ASP A 115 2.45 -39.71 9.54
N CYS A 116 1.50 -39.02 10.18
CA CYS A 116 1.06 -39.45 11.50
C CYS A 116 -0.46 -39.28 11.67
N GLY A 117 -1.22 -39.43 10.59
CA GLY A 117 -2.67 -39.38 10.68
C GLY A 117 -3.25 -37.98 10.54
N GLU A 118 -4.38 -37.74 11.22
CA GLU A 118 -5.10 -36.48 11.06
C GLU A 118 -4.20 -35.27 11.25
N ASN A 119 -3.24 -35.33 12.18
CA ASN A 119 -2.41 -34.17 12.47
C ASN A 119 -1.09 -34.17 11.69
N SER A 120 -1.04 -34.86 10.55
CA SER A 120 0.12 -34.83 9.70
C SER A 120 0.40 -33.40 9.23
N ALA A 121 1.68 -33.07 9.11
CA ALA A 121 2.08 -31.72 8.74
C ALA A 121 1.64 -31.39 7.32
N ILE A 122 1.60 -30.10 7.01
CA ILE A 122 1.25 -29.62 5.68
C ILE A 122 2.28 -28.57 5.26
N ALA A 123 2.73 -28.63 4.02
CA ALA A 123 3.57 -27.59 3.46
C ALA A 123 2.68 -26.64 2.68
N ALA A 124 2.92 -25.35 2.83
CA ALA A 124 2.11 -24.37 2.13
C ALA A 124 3.01 -23.30 1.53
N ASN A 125 2.45 -22.52 0.61
CA ASN A 125 3.18 -21.48 -0.10
C ASN A 125 2.18 -20.38 -0.45
N ASN A 126 2.38 -19.17 0.08
CA ASN A 126 1.37 -18.11 -0.14
C ASN A 126 1.38 -17.56 -1.56
N TYR A 127 2.35 -17.95 -2.39
CA TYR A 127 2.23 -17.61 -3.79
C TYR A 127 0.96 -18.18 -4.41
N ASP A 128 0.40 -19.25 -3.83
CA ASP A 128 -0.78 -19.90 -4.40
C ASP A 128 -1.94 -18.93 -4.50
N TRP A 129 -2.09 -18.00 -3.56
CA TRP A 129 -3.17 -17.03 -3.59
C TRP A 129 -2.72 -15.62 -3.98
N PHE A 130 -1.45 -15.26 -3.79
CA PHE A 130 -1.06 -13.92 -4.20
C PHE A 130 -0.69 -13.83 -5.68
N GLY A 131 -0.33 -14.95 -6.31
CA GLY A 131 0.06 -14.94 -7.71
C GLY A 131 -1.07 -14.57 -8.67
N ASN A 132 -2.33 -14.78 -8.26
CA ASN A 132 -3.47 -14.47 -9.13
C ASN A 132 -4.40 -13.42 -8.57
N MET A 133 -3.97 -12.66 -7.57
CA MET A 133 -4.81 -11.64 -6.96
C MET A 133 -4.55 -10.32 -7.67
N ASN A 134 -5.64 -9.70 -8.11
CA ASN A 134 -5.56 -8.39 -8.73
C ASN A 134 -5.32 -7.31 -7.68
N VAL A 135 -4.62 -6.25 -8.08
CA VAL A 135 -4.25 -5.20 -7.12
C VAL A 135 -5.49 -4.49 -6.57
N LEU A 136 -6.51 -4.26 -7.41
CA LEU A 136 -7.69 -3.54 -6.92
C LEU A 136 -8.46 -4.37 -5.88
N THR A 137 -8.59 -5.67 -6.14
CA THR A 137 -9.17 -6.57 -5.15
C THR A 137 -8.41 -6.50 -3.83
N PHE A 138 -7.07 -6.51 -3.91
CA PHE A 138 -6.25 -6.44 -2.71
C PHE A 138 -6.40 -5.10 -1.99
N LEU A 139 -6.40 -3.99 -2.75
CA LEU A 139 -6.55 -2.68 -2.11
C LEU A 139 -7.91 -2.55 -1.45
N ARG A 140 -8.95 -3.05 -2.10
CA ARG A 140 -10.31 -2.88 -1.60
C ARG A 140 -10.64 -3.90 -0.52
N ASP A 141 -10.54 -5.19 -0.87
CA ASP A 141 -11.03 -6.25 0.01
C ASP A 141 -10.17 -6.42 1.25
N ILE A 142 -8.89 -6.11 1.15
CA ILE A 142 -7.98 -6.26 2.26
C ILE A 142 -7.55 -4.91 2.81
N GLY A 143 -7.18 -3.99 1.92
CA GLY A 143 -6.63 -2.71 2.37
C GLY A 143 -7.59 -1.86 3.15
N LYS A 144 -8.89 -1.94 2.84
CA LYS A 144 -9.85 -1.11 3.56
C LYS A 144 -9.86 -1.42 5.05
N HIS A 145 -9.43 -2.61 5.45
CA HIS A 145 -9.46 -2.99 6.85
C HIS A 145 -8.26 -2.50 7.63
N PHE A 146 -7.37 -1.71 7.02
CA PHE A 146 -6.12 -1.32 7.66
C PHE A 146 -6.05 0.20 7.78
N SER A 147 -5.82 0.69 9.00
CA SER A 147 -5.61 2.10 9.27
C SER A 147 -4.12 2.43 9.13
N VAL A 148 -3.80 3.32 8.20
CA VAL A 148 -2.41 3.74 8.08
C VAL A 148 -1.96 4.39 9.38
N ASN A 149 -2.87 5.08 10.07
CA ASN A 149 -2.55 5.67 11.37
C ASN A 149 -1.99 4.62 12.32
N GLN A 150 -2.66 3.47 12.42
CA GLN A 150 -2.15 2.38 13.27
C GLN A 150 -0.89 1.74 12.69
N MET A 151 -0.84 1.54 11.36
CA MET A 151 0.28 0.84 10.76
C MET A 151 1.60 1.55 11.01
N ILE A 152 1.63 2.89 10.85
CA ILE A 152 2.88 3.62 10.99
C ILE A 152 3.35 3.70 12.43
N ASN A 153 2.54 3.27 13.39
CA ASN A 153 2.90 3.31 14.79
C ASN A 153 3.27 1.94 15.34
N LYS A 154 3.19 0.89 14.54
CA LYS A 154 3.65 -0.42 14.98
C LYS A 154 5.14 -0.38 15.30
N GLU A 155 5.53 -1.03 16.41
CA GLU A 155 6.94 -1.12 16.77
C GLU A 155 7.80 -1.66 15.64
N ALA A 156 7.29 -2.63 14.88
CA ALA A 156 8.13 -3.30 13.90
C ALA A 156 8.64 -2.35 12.80
N VAL A 157 7.96 -1.23 12.54
CA VAL A 157 8.35 -0.31 11.46
C VAL A 157 8.48 1.14 11.90
N LYS A 158 8.14 1.44 13.17
CA LYS A 158 8.11 2.82 13.63
C LYS A 158 9.44 3.54 13.37
N GLN A 159 10.56 2.89 13.67
CA GLN A 159 11.86 3.55 13.59
C GLN A 159 12.27 3.87 12.16
N ARG A 160 11.78 3.10 11.19
CA ARG A 160 12.01 3.41 9.78
C ARG A 160 11.35 4.72 9.33
N LEU A 161 10.36 5.22 10.07
CA LEU A 161 9.69 6.46 9.73
C LEU A 161 10.28 7.65 10.47
N ASN A 162 11.45 7.48 11.08
CA ASN A 162 12.12 8.62 11.72
C ASN A 162 12.82 9.49 10.68
N ARG A 163 13.82 8.94 9.99
CA ARG A 163 14.59 9.66 8.97
C ARG A 163 14.42 9.01 7.61
N GLU A 164 14.36 9.84 6.56
CA GLU A 164 13.92 9.37 5.26
C GLU A 164 14.99 8.53 4.56
N ASP A 165 16.27 8.88 4.75
CA ASP A 165 17.36 8.09 4.20
C ASP A 165 17.17 6.62 4.52
N GLN A 166 17.03 6.32 5.81
CA GLN A 166 16.70 4.97 6.26
C GLN A 166 15.18 4.81 6.44
N GLY A 167 14.44 5.13 5.38
CA GLY A 167 12.99 5.01 5.35
C GLY A 167 12.55 3.65 4.88
N ILE A 168 11.29 3.56 4.47
CA ILE A 168 10.68 2.30 4.07
C ILE A 168 9.84 2.52 2.82
N SER A 169 9.97 1.61 1.85
CA SER A 169 9.18 1.70 0.63
C SER A 169 7.73 1.32 0.89
N PHE A 170 6.83 1.80 0.01
CA PHE A 170 5.46 1.31 0.02
C PHE A 170 5.45 -0.21 -0.09
N THR A 171 6.42 -0.77 -0.83
CA THR A 171 6.53 -2.22 -0.97
C THR A 171 6.66 -2.91 0.38
N GLU A 172 7.66 -2.52 1.18
CA GLU A 172 7.84 -3.21 2.45
C GLU A 172 6.76 -2.81 3.46
N PHE A 173 6.21 -1.61 3.31
CA PHE A 173 5.08 -1.16 4.14
C PHE A 173 3.84 -2.02 3.93
N SER A 174 3.63 -2.55 2.72
CA SER A 174 2.46 -3.37 2.48
C SER A 174 2.61 -4.79 3.01
N TYR A 175 3.84 -5.21 3.33
CA TYR A 175 4.10 -6.60 3.70
C TYR A 175 3.16 -7.08 4.80
N ASN A 176 2.94 -6.24 5.82
CA ASN A 176 2.10 -6.60 6.95
C ASN A 176 0.72 -7.09 6.51
N LEU A 177 0.18 -6.53 5.42
CA LEU A 177 -1.16 -6.93 4.96
C LEU A 177 -1.13 -8.28 4.24
N LEU A 178 -0.06 -8.58 3.52
CA LEU A 178 0.05 -9.88 2.87
C LEU A 178 0.10 -11.01 3.90
N GLN A 179 0.92 -10.85 4.94
CA GLN A 179 0.98 -11.87 5.98
C GLN A 179 -0.31 -11.93 6.76
N GLY A 180 -1.02 -10.80 6.91
CA GLY A 180 -2.33 -10.85 7.54
C GLY A 180 -3.31 -11.69 6.74
N TYR A 181 -3.38 -11.47 5.43
CA TYR A 181 -4.28 -12.25 4.58
C TYR A 181 -3.93 -13.73 4.58
N ASP A 182 -2.64 -14.06 4.68
CA ASP A 182 -2.22 -15.45 4.81
C ASP A 182 -2.95 -16.18 5.93
N PHE A 183 -2.99 -15.57 7.12
CA PHE A 183 -3.68 -16.19 8.24
C PHE A 183 -5.14 -16.47 7.89
N ALA A 184 -5.79 -15.54 7.19
CA ALA A 184 -7.20 -15.76 6.84
C ALA A 184 -7.33 -16.86 5.79
N CYS A 185 -6.38 -16.95 4.87
CA CYS A 185 -6.41 -18.01 3.85
C CYS A 185 -6.26 -19.39 4.50
N LEU A 186 -5.29 -19.53 5.40
CA LEU A 186 -5.08 -20.82 6.03
C LEU A 186 -6.20 -21.16 7.01
N ASN A 187 -6.84 -20.14 7.59
CA ASN A 187 -8.03 -20.41 8.38
C ASN A 187 -9.11 -21.02 7.50
N LYS A 188 -9.40 -20.38 6.37
CA LYS A 188 -10.47 -20.87 5.51
C LYS A 188 -10.10 -22.19 4.86
N GLN A 189 -8.82 -22.40 4.56
CA GLN A 189 -8.41 -23.58 3.81
C GLN A 189 -8.28 -24.82 4.69
N TYR A 190 -7.63 -24.67 5.85
CA TYR A 190 -7.31 -25.80 6.71
C TYR A 190 -7.84 -25.65 8.12
N GLY A 191 -8.63 -24.62 8.41
CA GLY A 191 -9.09 -24.44 9.78
C GLY A 191 -8.01 -24.01 10.75
N VAL A 192 -6.92 -23.42 10.26
CA VAL A 192 -5.85 -22.95 11.14
C VAL A 192 -6.39 -21.88 12.06
N VAL A 193 -6.18 -22.03 13.36
CA VAL A 193 -6.66 -21.09 14.35
C VAL A 193 -5.54 -20.50 15.19
N LEU A 194 -4.29 -20.85 14.90
CA LEU A 194 -3.15 -20.38 15.66
C LEU A 194 -2.01 -20.14 14.69
N GLN A 195 -1.34 -18.99 14.84
CA GLN A 195 -0.07 -18.72 14.16
C GLN A 195 0.98 -18.48 15.23
N ILE A 196 2.15 -19.09 15.06
CA ILE A 196 3.25 -18.83 15.98
C ILE A 196 4.42 -18.27 15.17
N GLY A 197 5.38 -17.72 15.90
CA GLY A 197 6.58 -17.17 15.31
C GLY A 197 7.32 -16.42 16.38
N GLY A 198 8.49 -15.91 16.01
CA GLY A 198 9.25 -15.11 16.95
C GLY A 198 8.56 -13.81 17.29
N SER A 199 9.02 -13.19 18.38
CA SER A 199 8.33 -12.00 18.87
C SER A 199 8.39 -10.83 17.89
N ASP A 200 9.35 -10.83 16.95
CA ASP A 200 9.37 -9.81 15.90
C ASP A 200 8.15 -9.90 14.99
N GLN A 201 7.52 -11.06 14.94
CA GLN A 201 6.39 -11.27 14.06
C GLN A 201 5.05 -10.90 14.70
N TRP A 202 5.06 -10.40 15.94
CA TRP A 202 3.82 -10.17 16.68
C TRP A 202 2.84 -9.32 15.90
N GLY A 203 3.30 -8.17 15.41
CA GLY A 203 2.41 -7.27 14.68
C GLY A 203 1.90 -7.87 13.38
N ASN A 204 2.76 -8.63 12.68
CA ASN A 204 2.30 -9.34 11.49
C ASN A 204 1.24 -10.36 11.84
N ILE A 205 1.33 -10.95 13.04
CA ILE A 205 0.38 -11.96 13.44
C ILE A 205 -0.96 -11.33 13.82
N THR A 206 -0.94 -10.28 14.66
CA THR A 206 -2.20 -9.68 15.07
C THR A 206 -2.95 -9.08 13.89
N SER A 207 -2.25 -8.64 12.85
CA SER A 207 -2.96 -8.19 11.66
C SER A 207 -3.75 -9.33 11.03
N GLY A 208 -3.22 -10.55 11.10
CA GLY A 208 -3.91 -11.70 10.55
C GLY A 208 -5.07 -12.15 11.41
N ILE A 209 -4.95 -12.00 12.73
CA ILE A 209 -6.10 -12.27 13.61
C ILE A 209 -7.25 -11.32 13.27
N ASP A 210 -6.97 -10.02 13.24
CA ASP A 210 -8.03 -9.05 12.99
C ASP A 210 -8.65 -9.24 11.60
N LEU A 211 -7.82 -9.43 10.59
CA LEU A 211 -8.34 -9.54 9.23
C LEU A 211 -9.16 -10.81 9.04
N THR A 212 -8.74 -11.90 9.70
CA THR A 212 -9.49 -13.15 9.68
C THR A 212 -10.90 -12.95 10.24
N ARG A 213 -11.02 -12.15 11.31
CA ARG A 213 -12.34 -11.76 11.80
C ARG A 213 -13.15 -11.02 10.74
N ARG A 214 -12.58 -9.95 10.19
CA ARG A 214 -13.33 -9.12 9.24
C ARG A 214 -13.71 -9.93 8.00
N LEU A 215 -12.83 -10.82 7.55
CA LEU A 215 -13.08 -11.57 6.32
C LEU A 215 -13.91 -12.82 6.56
N HIS A 216 -13.55 -13.61 7.58
CA HIS A 216 -14.15 -14.92 7.77
C HIS A 216 -14.97 -15.04 9.05
N GLN A 217 -15.05 -14.00 9.87
CA GLN A 217 -15.88 -14.00 11.08
C GLN A 217 -15.47 -15.11 12.05
N ASN A 218 -14.20 -15.52 12.02
CA ASN A 218 -13.69 -16.56 12.89
C ASN A 218 -12.66 -15.99 13.87
N GLN A 219 -12.67 -16.55 15.08
CA GLN A 219 -11.70 -16.20 16.10
C GLN A 219 -10.48 -17.10 15.96
N VAL A 220 -9.31 -16.49 15.74
CA VAL A 220 -8.05 -17.22 15.73
C VAL A 220 -7.08 -16.53 16.68
N PHE A 221 -5.95 -17.19 16.93
CA PHE A 221 -5.04 -16.79 18.00
C PHE A 221 -3.62 -16.70 17.46
N GLY A 222 -2.75 -16.09 18.27
CA GLY A 222 -1.34 -16.03 17.99
C GLY A 222 -0.54 -16.25 19.27
N LEU A 223 0.67 -16.78 19.10
CA LEU A 223 1.60 -17.05 20.20
C LEU A 223 3.01 -16.81 19.69
N THR A 224 3.82 -16.07 20.43
CA THR A 224 5.15 -15.75 19.97
C THR A 224 6.21 -16.46 20.81
N VAL A 225 7.26 -16.91 20.16
CA VAL A 225 8.42 -17.50 20.84
C VAL A 225 9.50 -16.42 20.93
N PRO A 226 10.39 -16.47 21.91
CA PRO A 226 11.30 -15.35 22.13
C PRO A 226 12.37 -15.28 21.06
N LEU A 227 12.97 -14.10 20.95
CA LEU A 227 14.25 -13.93 20.29
C LEU A 227 15.32 -14.04 21.37
N ILE A 228 16.36 -14.83 21.11
CA ILE A 228 17.32 -15.14 22.15
C ILE A 228 18.31 -13.99 22.30
N THR A 229 18.41 -13.44 23.50
CA THR A 229 19.55 -12.63 23.89
C THR A 229 20.40 -13.47 24.84
N LYS A 230 21.69 -13.61 24.50
CA LYS A 230 22.62 -14.32 25.37
C LYS A 230 22.74 -13.61 26.71
N ALA A 231 23.26 -14.33 27.70
CA ALA A 231 23.34 -13.77 29.04
C ALA A 231 24.24 -12.53 29.08
N ASP A 232 25.23 -12.45 28.21
CA ASP A 232 26.17 -11.33 28.22
C ASP A 232 25.73 -10.17 27.34
N GLY A 233 24.62 -10.29 26.63
CA GLY A 233 24.21 -9.28 25.67
C GLY A 233 24.86 -9.46 24.32
N THR A 234 24.27 -10.31 23.49
CA THR A 234 24.76 -10.53 22.13
C THR A 234 23.68 -11.25 21.33
N LYS A 235 24.08 -12.00 20.30
CA LYS A 235 23.10 -12.62 19.41
C LYS A 235 23.28 -14.12 19.28
N ALA A 243 26.65 -16.03 11.27
CA ALA A 243 25.44 -16.84 11.34
C ALA A 243 25.76 -18.29 11.04
N VAL A 244 24.99 -19.22 11.60
CA VAL A 244 25.27 -20.64 11.50
C VAL A 244 24.09 -21.30 10.79
N TRP A 245 24.33 -21.74 9.56
CA TRP A 245 23.29 -22.26 8.68
C TRP A 245 23.06 -23.74 8.95
N LEU A 246 21.87 -24.20 8.58
CA LEU A 246 21.58 -25.61 8.69
C LEU A 246 22.18 -26.41 7.55
N ASP A 247 22.42 -25.76 6.41
CA ASP A 247 23.02 -26.37 5.23
C ASP A 247 24.48 -26.73 5.47
N PRO A 248 24.87 -28.01 5.41
CA PRO A 248 26.26 -28.38 5.69
C PRO A 248 27.26 -27.80 4.71
N LYS A 249 26.85 -27.46 3.49
CA LYS A 249 27.80 -26.81 2.60
C LYS A 249 28.01 -25.33 2.94
N LYS A 250 27.29 -24.79 3.93
CA LYS A 250 27.49 -23.42 4.39
C LYS A 250 28.07 -23.34 5.80
N THR A 251 27.60 -24.19 6.70
CA THR A 251 28.21 -24.37 8.02
C THR A 251 28.43 -25.86 8.21
N SER A 252 29.69 -26.29 8.32
CA SER A 252 29.97 -27.73 8.40
C SER A 252 29.45 -28.32 9.71
N PRO A 253 29.07 -29.61 9.70
CA PRO A 253 28.72 -30.29 10.94
C PRO A 253 29.74 -30.09 12.06
N TYR A 254 31.02 -29.98 11.72
CA TYR A 254 32.04 -29.80 12.75
C TYR A 254 31.94 -28.41 13.37
N LYS A 255 31.88 -27.37 12.54
CA LYS A 255 31.64 -26.01 13.05
C LYS A 255 30.32 -25.91 13.82
N PHE A 256 29.27 -26.54 13.32
CA PHE A 256 27.98 -26.52 14.02
C PHE A 256 28.14 -27.12 15.41
N TYR A 257 28.79 -28.28 15.49
CA TYR A 257 29.03 -28.94 16.76
C TYR A 257 29.82 -28.05 17.72
N GLN A 258 30.93 -27.48 17.22
CA GLN A 258 31.78 -26.64 18.07
C GLN A 258 31.02 -25.42 18.59
N PHE A 259 30.13 -24.85 17.76
CA PHE A 259 29.35 -23.71 18.21
C PHE A 259 28.56 -24.04 19.48
N TRP A 260 27.96 -25.22 19.54
CA TRP A 260 27.23 -25.62 20.74
C TRP A 260 28.18 -25.93 21.89
N ILE A 261 29.34 -26.53 21.59
CA ILE A 261 30.29 -26.89 22.64
C ILE A 261 30.71 -25.65 23.41
N ASN A 262 30.92 -24.54 22.71
CA ASN A 262 31.36 -23.27 23.28
C ASN A 262 30.23 -22.45 23.88
N THR A 263 29.02 -23.02 24.04
CA THR A 263 27.94 -22.29 24.68
C THR A 263 28.39 -21.82 26.06
N ALA A 264 28.03 -20.58 26.41
CA ALA A 264 28.35 -20.07 27.74
C ALA A 264 27.58 -20.84 28.81
N ASP A 265 28.17 -20.89 30.02
CA ASP A 265 27.53 -21.60 31.13
C ASP A 265 26.14 -21.06 31.41
N ALA A 266 25.98 -19.74 31.38
CA ALA A 266 24.70 -19.10 31.67
C ALA A 266 23.65 -19.32 30.58
N ASP A 267 24.04 -19.78 29.40
CA ASP A 267 23.08 -20.01 28.33
C ASP A 267 22.71 -21.47 28.11
N VAL A 268 23.47 -22.42 28.65
CA VAL A 268 23.38 -23.78 28.13
C VAL A 268 22.02 -24.41 28.44
N TYR A 269 21.49 -24.20 29.65
CA TYR A 269 20.25 -24.88 30.02
C TYR A 269 19.07 -24.30 29.27
N ARG A 270 19.06 -22.98 29.11
CA ARG A 270 18.05 -22.34 28.27
C ARG A 270 18.12 -22.87 26.85
N PHE A 271 19.34 -22.99 26.31
CA PHE A 271 19.49 -23.46 24.94
C PHE A 271 19.04 -24.90 24.81
N LEU A 272 19.28 -25.71 25.85
CA LEU A 272 18.73 -27.05 25.85
C LEU A 272 17.20 -27.01 25.72
N LYS A 273 16.56 -26.09 26.43
CA LYS A 273 15.10 -25.97 26.38
C LYS A 273 14.62 -25.53 25.02
N PHE A 274 15.35 -24.59 24.39
CA PHE A 274 14.93 -24.04 23.12
C PHE A 274 15.19 -25.00 21.96
N PHE A 275 16.34 -25.69 21.96
CA PHE A 275 16.82 -26.35 20.75
C PHE A 275 16.80 -27.87 20.80
N THR A 276 16.38 -28.50 21.90
CA THR A 276 16.29 -29.94 21.98
C THR A 276 14.89 -30.37 22.39
N PHE A 277 14.64 -31.68 22.30
CA PHE A 277 13.39 -32.28 22.76
C PHE A 277 13.58 -33.07 24.05
N MET A 278 14.69 -32.84 24.75
CA MET A 278 14.84 -33.39 26.09
C MET A 278 13.72 -32.89 27.00
N SER A 279 13.22 -33.78 27.84
CA SER A 279 12.17 -33.38 28.77
C SER A 279 12.70 -32.30 29.71
N ILE A 280 11.78 -31.49 30.22
CA ILE A 280 12.17 -30.49 31.21
C ILE A 280 12.73 -31.15 32.47
N GLU A 281 12.29 -32.37 32.79
CA GLU A 281 12.84 -33.05 33.96
C GLU A 281 14.30 -33.43 33.75
N GLU A 282 14.61 -33.98 32.57
CA GLU A 282 16.00 -34.35 32.31
C GLU A 282 16.89 -33.11 32.23
N ILE A 283 16.35 -31.99 31.74
CA ILE A 283 17.13 -30.76 31.68
C ILE A 283 17.37 -30.21 33.09
N ASN A 284 16.34 -30.25 33.94
CA ASN A 284 16.52 -29.82 35.33
C ASN A 284 17.48 -30.76 36.07
N ALA A 285 17.48 -32.06 35.76
CA ALA A 285 18.39 -32.99 36.43
C ALA A 285 19.83 -32.73 35.99
N LEU A 286 20.03 -32.44 34.71
CA LEU A 286 21.36 -32.10 34.21
C LEU A 286 21.90 -30.85 34.89
N GLU A 287 21.07 -29.80 34.98
CA GLU A 287 21.48 -28.58 35.66
C GLU A 287 21.81 -28.86 37.13
N GLU A 288 21.03 -29.71 37.79
CA GLU A 288 21.30 -29.98 39.20
C GLU A 288 22.51 -30.90 39.39
N GLU A 289 22.77 -31.80 38.45
CA GLU A 289 24.02 -32.54 38.48
C GLU A 289 25.21 -31.61 38.28
N ASP A 290 25.11 -30.70 37.32
CA ASP A 290 26.17 -29.72 37.12
C ASP A 290 26.34 -28.82 38.34
N LYS A 291 25.26 -28.58 39.08
CA LYS A 291 25.33 -27.65 40.21
C LYS A 291 26.07 -28.28 41.38
N ASN A 292 25.69 -29.50 41.75
CA ASN A 292 26.26 -30.16 42.92
C ASN A 292 27.53 -30.94 42.63
N SER A 293 27.76 -31.33 41.37
CA SER A 293 29.07 -31.84 41.01
C SER A 293 30.11 -30.75 41.23
N GLY A 294 31.28 -31.15 41.72
CA GLY A 294 32.32 -30.20 41.99
C GLY A 294 33.21 -29.93 40.79
N LYS A 295 32.67 -30.05 39.59
CA LYS A 295 33.45 -29.89 38.37
C LYS A 295 32.80 -28.85 37.48
N ALA A 296 33.45 -28.57 36.35
CA ALA A 296 32.88 -27.69 35.34
C ALA A 296 31.68 -28.38 34.67
N PRO A 297 30.76 -27.61 34.10
CA PRO A 297 29.55 -28.22 33.53
C PRO A 297 29.86 -29.19 32.40
N ARG A 298 28.98 -30.17 32.24
CA ARG A 298 29.04 -31.07 31.09
C ARG A 298 27.86 -30.86 30.16
N ALA A 299 26.95 -29.95 30.51
CA ALA A 299 25.74 -29.75 29.73
C ALA A 299 26.06 -29.37 28.29
N GLN A 300 27.12 -28.60 28.07
CA GLN A 300 27.45 -28.20 26.71
C GLN A 300 27.64 -29.41 25.80
N TYR A 301 28.32 -30.45 26.29
CA TYR A 301 28.50 -31.65 25.47
C TYR A 301 27.14 -32.30 25.18
N VAL A 302 26.24 -32.30 26.15
CA VAL A 302 24.92 -32.87 25.90
C VAL A 302 24.18 -32.05 24.87
N LEU A 303 24.22 -30.72 24.98
CA LEU A 303 23.55 -29.89 23.99
C LEU A 303 24.13 -30.09 22.60
N ALA A 304 25.47 -30.18 22.50
CA ALA A 304 26.13 -30.32 21.20
C ALA A 304 25.72 -31.62 20.51
N GLU A 305 25.76 -32.75 21.23
CA GLU A 305 25.31 -34.00 20.64
C GLU A 305 23.83 -33.90 20.22
N GLN A 306 23.00 -33.31 21.07
CA GLN A 306 21.56 -33.30 20.79
C GLN A 306 21.26 -32.55 19.49
N VAL A 307 21.66 -31.28 19.41
CA VAL A 307 21.25 -30.49 18.26
C VAL A 307 21.98 -30.94 17.00
N THR A 308 23.23 -31.40 17.13
CA THR A 308 23.99 -31.83 15.96
C THR A 308 23.38 -33.09 15.36
N ARG A 309 22.94 -34.02 16.21
CA ARG A 309 22.23 -35.19 15.67
C ARG A 309 20.92 -34.78 15.03
N LEU A 310 20.23 -33.83 15.65
CA LEU A 310 18.95 -33.37 15.11
C LEU A 310 19.12 -32.83 13.70
N VAL A 311 20.07 -31.92 13.50
CA VAL A 311 20.19 -31.22 12.24
C VAL A 311 20.96 -32.04 11.21
N HIS A 312 22.03 -32.72 11.64
CA HIS A 312 22.96 -33.36 10.72
C HIS A 312 22.99 -34.87 10.87
N GLY A 313 22.11 -35.46 11.69
CA GLY A 313 22.04 -36.90 11.83
C GLY A 313 23.19 -37.48 12.63
N GLU A 314 23.10 -38.79 12.86
CA GLU A 314 24.17 -39.50 13.58
C GLU A 314 25.49 -39.45 12.81
N GLU A 315 25.44 -39.61 11.50
CA GLU A 315 26.65 -39.51 10.69
C GLU A 315 27.28 -38.14 10.84
N GLY A 316 26.46 -37.08 10.79
CA GLY A 316 26.98 -35.75 11.01
C GLY A 316 27.57 -35.58 12.40
N LEU A 317 26.90 -36.11 13.41
CA LEU A 317 27.44 -36.05 14.76
C LEU A 317 28.78 -36.78 14.86
N GLN A 318 28.87 -37.98 14.31
CA GLN A 318 30.09 -38.76 14.51
C GLN A 318 31.27 -38.16 13.74
N ALA A 319 31.01 -37.57 12.57
CA ALA A 319 32.07 -36.85 11.87
C ALA A 319 32.54 -35.63 12.66
N ALA A 320 31.60 -34.87 13.24
CA ALA A 320 32.00 -33.73 14.07
C ALA A 320 32.82 -34.16 15.27
N LYS A 321 32.43 -35.27 15.91
CA LYS A 321 33.23 -35.81 17.00
C LYS A 321 34.59 -36.27 16.52
N ARG A 322 34.62 -36.98 15.38
CA ARG A 322 35.87 -37.57 14.89
C ARG A 322 36.89 -36.48 14.59
N ILE A 323 36.45 -35.42 13.93
CA ILE A 323 37.31 -34.27 13.68
C ILE A 323 37.76 -33.64 14.98
N THR A 324 36.80 -33.34 15.86
CA THR A 324 37.14 -32.78 17.17
C THR A 324 38.21 -33.62 17.86
N GLU A 325 38.07 -34.95 17.77
CA GLU A 325 39.00 -35.85 18.44
C GLU A 325 40.38 -35.78 17.81
N CYS A 326 40.45 -35.86 16.48
CA CYS A 326 41.73 -35.87 15.80
C CYS A 326 42.46 -34.54 15.96
N LEU A 327 41.74 -33.43 15.83
CA LEU A 327 42.36 -32.11 16.00
C LEU A 327 42.99 -32.00 17.37
N PHE A 328 42.30 -32.48 18.40
CA PHE A 328 42.81 -32.39 19.75
C PHE A 328 43.91 -33.41 20.03
N SER A 329 43.85 -34.60 19.41
CA SER A 329 44.82 -35.65 19.70
C SER A 329 46.11 -35.46 18.93
N GLY A 330 46.02 -34.96 17.69
CA GLY A 330 47.14 -34.94 16.78
C GLY A 330 47.19 -36.09 15.80
N SER A 331 46.25 -37.02 15.87
CA SER A 331 46.27 -38.21 15.02
C SER A 331 45.21 -38.06 13.94
N LEU A 332 45.65 -37.66 12.75
CA LEU A 332 44.76 -37.43 11.61
C LEU A 332 44.50 -38.70 10.79
N SER A 333 45.00 -39.85 11.25
CA SER A 333 44.78 -41.11 10.56
C SER A 333 43.30 -41.45 10.45
N ALA A 334 42.52 -41.10 11.47
CA ALA A 334 41.09 -41.40 11.40
C ALA A 334 40.37 -40.56 10.36
N LEU A 335 40.90 -39.40 10.01
CA LEU A 335 40.13 -38.46 9.20
C LEU A 335 40.00 -38.93 7.76
N SER A 336 38.85 -38.65 7.16
CA SER A 336 38.61 -38.95 5.76
C SER A 336 39.07 -37.79 4.90
N GLU A 337 38.95 -37.92 3.58
CA GLU A 337 39.06 -36.74 2.73
C GLU A 337 37.91 -35.78 3.03
N ALA A 338 36.68 -36.30 3.07
CA ALA A 338 35.53 -35.46 3.39
C ALA A 338 35.71 -34.76 4.73
N ASP A 339 36.23 -35.48 5.75
CA ASP A 339 36.54 -34.81 7.02
C ASP A 339 37.45 -33.62 6.80
N PHE A 340 38.49 -33.80 5.97
CA PHE A 340 39.40 -32.69 5.71
C PHE A 340 38.70 -31.55 4.99
N GLU A 341 37.74 -31.86 4.11
CA GLU A 341 37.02 -30.81 3.41
C GLU A 341 36.24 -29.91 4.38
N GLN A 342 35.72 -30.47 5.48
CA GLN A 342 35.05 -29.62 6.47
C GLN A 342 36.04 -28.66 7.11
N LEU A 343 37.23 -29.15 7.47
CA LEU A 343 38.25 -28.29 8.04
C LEU A 343 38.59 -27.12 7.11
N ALA A 344 38.76 -27.39 5.82
CA ALA A 344 39.12 -26.34 4.89
C ALA A 344 37.98 -25.37 4.65
N GLN A 345 36.74 -25.85 4.72
CA GLN A 345 35.58 -24.97 4.61
C GLN A 345 35.52 -24.02 5.80
N ASP A 346 35.43 -24.57 7.02
CA ASP A 346 34.93 -23.95 8.24
C ASP A 346 35.86 -24.09 9.42
N GLY A 347 36.42 -25.28 9.65
CA GLY A 347 36.78 -25.68 11.00
C GLY A 347 38.00 -24.96 11.54
N VAL A 348 38.98 -24.71 10.69
CA VAL A 348 40.20 -24.00 11.08
C VAL A 348 40.61 -23.09 9.93
N PRO A 349 41.36 -22.04 10.23
CA PRO A 349 41.88 -21.18 9.14
C PRO A 349 42.70 -22.00 8.16
N MET A 350 42.72 -21.54 6.91
CA MET A 350 43.39 -22.31 5.86
C MET A 350 44.07 -21.37 4.86
N VAL A 351 45.06 -21.91 4.16
CA VAL A 351 45.84 -21.23 3.12
C VAL A 351 46.09 -22.21 1.99
N GLU A 352 46.63 -21.70 0.89
CA GLU A 352 46.96 -22.53 -0.26
C GLU A 352 48.42 -22.30 -0.64
N MET A 353 49.26 -23.31 -0.39
CA MET A 353 50.70 -23.27 -0.65
C MET A 353 51.06 -24.31 -1.70
N GLU A 354 51.93 -23.92 -2.63
CA GLU A 354 52.41 -24.85 -3.64
C GLU A 354 53.48 -25.76 -3.05
N LYS A 355 53.41 -27.05 -3.39
CA LYS A 355 54.28 -28.04 -2.76
C LYS A 355 55.75 -27.74 -3.01
N GLY A 356 56.59 -28.30 -2.13
CA GLY A 356 58.01 -28.05 -2.13
C GLY A 356 58.48 -27.07 -1.09
N ALA A 357 57.56 -26.34 -0.46
CA ALA A 357 57.95 -25.39 0.57
C ALA A 357 58.47 -26.12 1.80
N ASP A 358 59.37 -25.47 2.53
CA ASP A 358 59.82 -26.00 3.80
C ASP A 358 58.91 -25.51 4.92
N LEU A 359 59.00 -26.17 6.07
CA LEU A 359 58.13 -25.87 7.20
C LEU A 359 58.27 -24.42 7.64
N MET A 360 59.45 -23.84 7.47
CA MET A 360 59.67 -22.47 7.89
C MET A 360 58.83 -21.48 7.08
N GLN A 361 58.85 -21.63 5.75
CA GLN A 361 57.98 -20.78 4.94
C GLN A 361 56.52 -21.18 5.05
N ALA A 362 56.22 -22.34 5.61
CA ALA A 362 54.82 -22.68 5.87
C ALA A 362 54.24 -21.79 6.97
N LEU A 363 55.03 -21.56 8.02
CA LEU A 363 54.54 -20.78 9.16
C LEU A 363 54.33 -19.32 8.78
N VAL A 364 55.19 -18.76 7.93
CA VAL A 364 55.12 -17.34 7.67
C VAL A 364 53.91 -17.01 6.80
N ASP A 365 53.64 -17.83 5.80
CA ASP A 365 52.69 -17.44 4.76
C ASP A 365 51.25 -17.50 5.25
N SER A 366 50.98 -18.34 6.25
CA SER A 366 49.65 -18.47 6.84
C SER A 366 49.37 -17.42 7.92
N GLU A 367 50.32 -16.52 8.17
CA GLU A 367 50.28 -15.57 9.29
C GLU A 367 50.36 -16.28 10.64
N LEU A 368 51.02 -17.43 10.68
CA LEU A 368 51.26 -18.14 11.93
C LEU A 368 52.56 -17.68 12.60
N GLN A 369 53.63 -17.52 11.83
CA GLN A 369 54.86 -16.91 12.31
C GLN A 369 55.13 -15.64 11.51
N PRO A 370 55.70 -14.62 12.14
CA PRO A 370 55.94 -13.36 11.42
C PRO A 370 57.10 -13.42 10.44
N SER A 371 58.20 -14.07 10.84
CA SER A 371 59.41 -14.08 10.05
C SER A 371 59.97 -15.49 9.95
N ARG A 372 60.89 -15.67 9.00
CA ARG A 372 61.60 -16.94 8.87
C ARG A 372 62.62 -17.13 9.98
N GLY A 373 63.21 -16.03 10.46
CA GLY A 373 64.09 -16.12 11.62
C GLY A 373 63.34 -16.52 12.87
N GLN A 374 62.14 -15.97 13.06
CA GLN A 374 61.31 -16.38 14.18
C GLN A 374 60.89 -17.84 14.05
N ALA A 375 60.55 -18.26 12.83
CA ALA A 375 60.21 -19.66 12.58
C ALA A 375 61.37 -20.57 12.94
N ARG A 376 62.61 -20.12 12.69
CA ARG A 376 63.80 -20.87 13.07
C ARG A 376 63.74 -21.31 14.52
N LYS A 377 63.67 -20.34 15.44
CA LYS A 377 63.67 -20.65 16.86
C LYS A 377 62.39 -21.38 17.27
N THR A 378 61.26 -21.01 16.65
CA THR A 378 60.01 -21.70 16.93
C THR A 378 60.10 -23.18 16.56
N ILE A 379 60.72 -23.48 15.43
CA ILE A 379 60.85 -24.88 15.03
C ILE A 379 61.93 -25.59 15.86
N ALA A 380 63.00 -24.89 16.23
CA ALA A 380 64.03 -25.49 17.06
C ALA A 380 63.57 -25.72 18.49
N SER A 381 62.55 -24.99 18.94
CA SER A 381 62.02 -25.11 20.30
C SER A 381 60.98 -26.20 20.43
N ASN A 382 60.77 -27.02 19.40
CA ASN A 382 59.84 -28.15 19.46
C ASN A 382 58.40 -27.67 19.69
N ALA A 383 58.08 -26.51 19.12
CA ALA A 383 56.77 -25.90 19.29
C ALA A 383 55.89 -26.02 18.05
N ILE A 384 56.35 -26.71 17.02
CA ILE A 384 55.57 -26.88 15.79
C ILE A 384 55.26 -28.36 15.62
N THR A 385 53.98 -28.67 15.42
CA THR A 385 53.55 -30.01 15.04
C THR A 385 53.21 -30.02 13.56
N ILE A 386 53.40 -31.17 12.93
CA ILE A 386 52.95 -31.41 11.57
C ILE A 386 52.08 -32.65 11.60
N ASN A 387 50.78 -32.46 11.34
CA ASN A 387 49.79 -33.52 11.49
C ASN A 387 49.97 -34.27 12.81
N GLY A 388 50.38 -33.53 13.85
CA GLY A 388 50.45 -34.08 15.19
C GLY A 388 51.82 -34.47 15.67
N GLU A 389 52.65 -35.04 14.79
CA GLU A 389 53.99 -35.49 15.17
C GLU A 389 54.94 -34.30 15.30
N LYS A 390 55.65 -34.23 16.43
CA LYS A 390 56.63 -33.18 16.64
C LYS A 390 57.68 -33.19 15.54
N GLN A 391 58.06 -32.01 15.08
CA GLN A 391 59.18 -31.83 14.16
C GLN A 391 60.03 -30.68 14.66
N SER A 392 61.27 -30.99 15.06
CA SER A 392 62.08 -30.10 15.87
C SER A 392 63.20 -29.39 15.11
N ASP A 393 63.34 -29.63 13.81
CA ASP A 393 64.51 -29.09 13.11
C ASP A 393 64.10 -28.04 12.09
N PRO A 394 64.68 -26.84 12.14
CA PRO A 394 64.30 -25.80 11.17
C PRO A 394 64.37 -26.24 9.72
N GLU A 395 65.46 -26.86 9.30
CA GLU A 395 65.72 -27.20 7.91
C GLU A 395 64.84 -28.33 7.39
N TYR A 396 63.68 -28.56 7.99
CA TYR A 396 62.82 -29.68 7.60
C TYR A 396 61.94 -29.32 6.41
N PHE A 397 61.81 -30.28 5.49
CA PHE A 397 60.82 -30.26 4.42
C PHE A 397 59.81 -31.37 4.68
N PHE A 398 58.59 -31.19 4.16
CA PHE A 398 57.57 -32.21 4.31
C PHE A 398 57.93 -33.45 3.47
N LYS A 399 57.91 -34.61 4.11
CA LYS A 399 57.92 -35.86 3.37
C LYS A 399 56.63 -35.98 2.57
N GLU A 400 56.68 -36.70 1.46
CA GLU A 400 55.50 -36.81 0.62
C GLU A 400 54.35 -37.51 1.34
N GLU A 401 54.67 -38.46 2.23
CA GLU A 401 53.64 -39.16 3.00
C GLU A 401 52.87 -38.22 3.92
N GLU A 402 53.45 -37.10 4.31
CA GLU A 402 52.77 -36.23 5.27
C GLU A 402 51.61 -35.46 4.66
N ARG A 403 51.57 -35.29 3.33
CA ARG A 403 50.47 -34.62 2.64
C ARG A 403 49.33 -35.62 2.45
N LEU A 404 48.44 -35.66 3.42
CA LEU A 404 47.45 -36.73 3.48
C LEU A 404 46.38 -36.54 2.42
N PHE A 405 45.98 -37.65 1.80
CA PHE A 405 45.12 -37.63 0.61
C PHE A 405 45.65 -36.64 -0.44
N GLY A 406 46.98 -36.55 -0.55
CA GLY A 406 47.65 -35.79 -1.58
C GLY A 406 47.55 -34.28 -1.48
N ARG A 407 46.78 -33.73 -0.54
CA ARG A 407 46.55 -32.28 -0.59
C ARG A 407 46.34 -31.61 0.76
N PHE A 408 46.55 -32.30 1.89
CA PHE A 408 46.24 -31.71 3.18
C PHE A 408 47.35 -31.99 4.19
N THR A 409 47.83 -30.93 4.84
CA THR A 409 48.71 -31.04 5.99
C THR A 409 48.31 -29.94 6.97
N LEU A 410 48.35 -30.26 8.27
CA LEU A 410 47.81 -29.37 9.27
C LEU A 410 48.91 -28.89 10.20
N LEU A 411 49.15 -27.59 10.20
CA LEU A 411 50.13 -26.96 11.07
C LEU A 411 49.49 -26.51 12.38
N ARG A 412 50.24 -26.61 13.47
CA ARG A 412 49.79 -26.13 14.77
C ARG A 412 50.96 -25.52 15.52
N ARG A 413 50.85 -24.23 15.85
CA ARG A 413 51.83 -23.54 16.68
C ARG A 413 51.34 -23.56 18.11
N GLY A 414 52.15 -24.10 19.01
CA GLY A 414 51.65 -24.29 20.36
C GLY A 414 50.53 -25.34 20.39
N LYS A 415 49.60 -25.15 21.31
CA LYS A 415 48.52 -26.11 21.47
C LYS A 415 47.26 -25.73 20.71
N LYS A 416 46.94 -24.43 20.59
CA LYS A 416 45.63 -24.00 20.12
C LYS A 416 45.62 -23.41 18.71
N ASN A 417 46.74 -22.94 18.19
CA ASN A 417 46.76 -22.21 16.93
C ASN A 417 46.89 -23.18 15.76
N TYR A 418 45.89 -23.21 14.89
CA TYR A 418 45.87 -24.09 13.73
C TYR A 418 45.88 -23.31 12.43
N CYS A 419 46.45 -23.91 11.40
CA CYS A 419 46.15 -23.55 10.02
C CYS A 419 46.26 -24.82 9.21
N LEU A 420 45.28 -25.06 8.34
CA LEU A 420 45.34 -26.17 7.40
C LEU A 420 45.86 -25.64 6.08
N ILE A 421 46.86 -26.32 5.53
CA ILE A 421 47.37 -25.94 4.23
C ILE A 421 46.77 -26.87 3.18
N CYS A 422 46.13 -26.28 2.18
CA CYS A 422 45.54 -26.98 1.05
C CYS A 422 46.49 -26.76 -0.12
N TRP A 423 47.43 -27.69 -0.27
CA TRP A 423 48.44 -27.60 -1.31
C TRP A 423 47.78 -27.56 -2.68
N LYS A 424 48.31 -26.72 -3.57
CA LYS A 424 47.73 -26.54 -4.90
C LYS A 424 48.64 -27.12 -5.99
N ASN B 5 3.14 32.60 -25.97
CA ASN B 5 3.51 31.49 -25.09
C ASN B 5 2.29 31.04 -24.28
N LEU B 6 1.79 29.84 -24.58
CA LEU B 6 0.52 29.40 -23.99
C LEU B 6 0.50 29.53 -22.46
N ILE B 7 1.64 29.32 -21.80
CA ILE B 7 1.63 29.38 -20.35
C ILE B 7 1.45 30.82 -19.87
N LYS B 8 2.15 31.77 -20.51
CA LYS B 8 1.97 33.18 -20.11
C LYS B 8 0.50 33.58 -20.24
N GLN B 9 -0.18 33.15 -21.32
CA GLN B 9 -1.57 33.54 -21.53
C GLN B 9 -2.45 33.00 -20.42
N LEU B 10 -2.25 31.73 -20.04
CA LEU B 10 -3.07 31.15 -18.99
C LEU B 10 -2.86 31.90 -17.67
N GLN B 11 -1.63 32.35 -17.42
CA GLN B 11 -1.36 33.08 -16.18
C GLN B 11 -2.07 34.44 -16.15
N GLU B 12 -2.24 35.09 -17.31
CA GLU B 12 -2.96 36.34 -17.35
C GLU B 12 -4.45 36.15 -17.07
N ARG B 13 -4.97 34.95 -17.32
CA ARG B 13 -6.31 34.58 -16.89
C ARG B 13 -6.37 34.12 -15.45
N GLY B 14 -5.24 34.07 -14.75
CA GLY B 14 -5.21 33.55 -13.40
C GLY B 14 -5.45 32.07 -13.30
N LEU B 15 -5.25 31.32 -14.39
CA LEU B 15 -5.53 29.89 -14.41
C LEU B 15 -4.33 29.02 -14.03
N VAL B 16 -3.19 29.60 -13.67
CA VAL B 16 -2.02 28.81 -13.34
C VAL B 16 -1.75 28.95 -11.85
N ALA B 17 -1.94 27.85 -11.12
CA ALA B 17 -1.59 27.81 -9.69
C ALA B 17 -0.11 27.47 -9.51
N GLN B 18 0.35 26.38 -10.14
CA GLN B 18 1.74 25.96 -10.02
C GLN B 18 2.14 25.23 -11.30
N VAL B 19 3.46 25.21 -11.56
CA VAL B 19 3.99 24.56 -12.76
C VAL B 19 5.41 24.07 -12.45
N THR B 20 5.74 22.90 -12.99
CA THR B 20 7.07 22.31 -12.77
C THR B 20 8.01 22.65 -13.93
N ASP B 21 9.26 22.97 -13.61
CA ASP B 21 10.30 23.18 -14.63
C ASP B 21 9.77 24.10 -15.73
N GLU B 22 9.14 25.19 -15.31
CA GLU B 22 8.26 26.00 -16.16
C GLU B 22 8.96 26.49 -17.43
N GLU B 23 10.16 27.04 -17.28
CA GLU B 23 10.91 27.47 -18.46
C GLU B 23 11.03 26.33 -19.46
N ALA B 24 11.30 25.11 -18.98
CA ALA B 24 11.50 23.97 -19.86
C ALA B 24 10.20 23.56 -20.54
N LEU B 25 9.10 23.49 -19.79
CA LEU B 25 7.80 23.20 -20.39
C LEU B 25 7.41 24.27 -21.40
N ALA B 26 7.75 25.54 -21.12
CA ALA B 26 7.35 26.59 -22.03
C ALA B 26 8.08 26.47 -23.35
N GLU B 27 9.36 26.10 -23.30
CA GLU B 27 10.11 25.88 -24.53
C GLU B 27 9.55 24.68 -25.29
N ARG B 28 9.11 23.65 -24.57
CA ARG B 28 8.55 22.47 -25.21
C ARG B 28 7.22 22.77 -25.90
N LEU B 29 6.35 23.56 -25.25
CA LEU B 29 5.08 23.92 -25.89
C LEU B 29 5.31 24.76 -27.14
N ALA B 30 6.30 25.65 -27.09
CA ALA B 30 6.57 26.53 -28.23
C ALA B 30 7.12 25.78 -29.42
N GLN B 31 7.77 24.63 -29.19
CA GLN B 31 8.39 23.90 -30.29
C GLN B 31 7.36 23.25 -31.19
N GLY B 32 6.29 22.72 -30.61
CA GLY B 32 5.30 22.00 -31.36
C GLY B 32 4.26 21.37 -30.46
N PRO B 33 3.28 20.69 -31.05
CA PRO B 33 2.23 20.04 -30.26
C PRO B 33 2.80 19.02 -29.29
N ILE B 34 2.22 18.99 -28.09
CA ILE B 34 2.47 17.95 -27.10
C ILE B 34 1.15 17.25 -26.83
N ALA B 35 1.23 16.08 -26.18
CA ALA B 35 0.06 15.42 -25.62
C ALA B 35 0.02 15.68 -24.12
N LEU B 36 -1.17 16.02 -23.60
CA LEU B 36 -1.36 16.33 -22.18
C LEU B 36 -2.63 15.64 -21.70
N TYR B 37 -2.78 15.54 -20.38
CA TYR B 37 -3.99 14.89 -19.88
C TYR B 37 -4.44 15.46 -18.55
N CYS B 38 -5.71 15.18 -18.25
CA CYS B 38 -6.37 15.45 -16.98
C CYS B 38 -7.32 14.28 -16.70
N GLY B 39 -7.42 13.95 -15.42
CA GLY B 39 -8.23 12.83 -14.99
C GLY B 39 -9.42 13.32 -14.20
N PHE B 40 -10.53 12.60 -14.32
CA PHE B 40 -11.75 12.92 -13.57
C PHE B 40 -12.30 11.64 -12.94
N ASP B 41 -12.48 11.64 -11.60
CA ASP B 41 -12.90 10.38 -10.99
C ASP B 41 -14.42 10.31 -10.88
N PRO B 42 -15.02 9.12 -11.13
CA PRO B 42 -16.47 8.97 -10.99
C PRO B 42 -16.91 8.85 -9.54
N THR B 43 -17.30 9.95 -8.90
CA THR B 43 -17.90 9.88 -7.58
C THR B 43 -19.38 10.27 -7.57
N ALA B 44 -19.95 10.62 -8.72
CA ALA B 44 -21.39 10.84 -8.85
C ALA B 44 -21.77 10.58 -10.30
N ASP B 45 -23.08 10.58 -10.57
CA ASP B 45 -23.56 10.34 -11.93
C ASP B 45 -23.44 11.56 -12.83
N SER B 46 -22.86 12.66 -12.36
CA SER B 46 -22.63 13.80 -13.23
C SER B 46 -21.43 14.59 -12.75
N LEU B 47 -20.75 15.28 -13.67
CA LEU B 47 -19.81 16.31 -13.27
C LEU B 47 -20.56 17.57 -12.84
N HIS B 48 -19.81 18.51 -12.25
CA HIS B 48 -20.36 19.79 -11.81
C HIS B 48 -19.42 20.91 -12.25
N LEU B 49 -19.79 22.16 -11.92
CA LEU B 49 -19.05 23.33 -12.42
C LEU B 49 -17.58 23.28 -12.08
N GLY B 50 -17.22 22.68 -10.94
CA GLY B 50 -15.82 22.64 -10.56
C GLY B 50 -14.97 21.95 -11.60
N HIS B 51 -15.43 20.79 -12.06
CA HIS B 51 -14.70 20.02 -13.07
C HIS B 51 -14.51 20.79 -14.37
N LEU B 52 -15.36 21.80 -14.63
CA LEU B 52 -15.22 22.61 -15.84
C LEU B 52 -13.88 23.33 -15.90
N VAL B 53 -13.34 23.72 -14.75
CA VAL B 53 -12.14 24.56 -14.72
C VAL B 53 -10.98 23.82 -15.40
N PRO B 54 -10.63 22.59 -14.99
CA PRO B 54 -9.57 21.90 -15.74
C PRO B 54 -10.05 21.39 -17.09
N LEU B 55 -11.34 21.06 -17.19
CA LEU B 55 -11.84 20.51 -18.45
C LEU B 55 -11.77 21.53 -19.57
N LEU B 56 -12.19 22.77 -19.29
CA LEU B 56 -12.02 23.81 -20.29
C LEU B 56 -10.55 24.14 -20.52
N CYS B 57 -9.68 23.90 -19.54
CA CYS B 57 -8.25 24.08 -19.77
C CYS B 57 -7.72 23.07 -20.79
N LEU B 58 -8.17 21.81 -20.70
CA LEU B 58 -7.87 20.83 -21.74
C LEU B 58 -8.22 21.40 -23.12
N LYS B 59 -9.39 22.02 -23.25
CA LYS B 59 -9.77 22.63 -24.51
C LYS B 59 -8.82 23.76 -24.89
N ARG B 60 -8.45 24.59 -23.92
CA ARG B 60 -7.58 25.72 -24.23
C ARG B 60 -6.26 25.23 -24.81
N PHE B 61 -5.74 24.12 -24.28
CA PHE B 61 -4.53 23.54 -24.85
C PHE B 61 -4.79 23.03 -26.26
N GLN B 62 -5.97 22.43 -26.49
CA GLN B 62 -6.27 21.90 -27.82
C GLN B 62 -6.35 23.01 -28.86
N GLN B 63 -6.99 24.13 -28.52
CA GLN B 63 -7.03 25.27 -29.44
C GLN B 63 -5.64 25.77 -29.81
N ALA B 64 -4.63 25.51 -28.97
CA ALA B 64 -3.27 25.92 -29.30
C ALA B 64 -2.53 24.85 -30.07
N GLY B 65 -3.21 23.77 -30.46
CA GLY B 65 -2.62 22.73 -31.27
C GLY B 65 -2.13 21.51 -30.54
N HIS B 66 -2.41 21.38 -29.25
CA HIS B 66 -1.96 20.25 -28.46
C HIS B 66 -3.06 19.19 -28.38
N LYS B 67 -2.68 18.03 -27.86
CA LYS B 67 -3.50 16.82 -27.98
C LYS B 67 -3.98 16.39 -26.61
N PRO B 68 -5.23 16.68 -26.27
CA PRO B 68 -5.75 16.39 -24.93
C PRO B 68 -6.25 14.97 -24.78
N VAL B 69 -5.90 14.37 -23.64
CA VAL B 69 -6.37 13.07 -23.22
C VAL B 69 -7.23 13.32 -21.99
N ALA B 70 -8.48 12.90 -22.05
CA ALA B 70 -9.40 13.09 -20.93
C ALA B 70 -9.58 11.72 -20.31
N LEU B 71 -9.08 11.54 -19.09
CA LEU B 71 -9.09 10.24 -18.46
C LEU B 71 -10.21 10.19 -17.42
N VAL B 72 -11.02 9.14 -17.48
CA VAL B 72 -12.01 8.87 -16.45
C VAL B 72 -11.52 7.70 -15.61
N GLY B 73 -11.52 7.87 -14.28
CA GLY B 73 -10.91 6.89 -13.39
C GLY B 73 -11.77 5.69 -13.03
N GLY B 74 -11.98 4.79 -13.99
CA GLY B 74 -12.73 3.58 -13.68
C GLY B 74 -12.07 2.76 -12.58
N ALA B 75 -10.73 2.80 -12.48
CA ALA B 75 -10.00 2.08 -11.44
C ALA B 75 -9.81 2.93 -10.18
N THR B 76 -9.38 4.19 -10.34
CA THR B 76 -9.17 5.03 -9.15
C THR B 76 -10.48 5.36 -8.44
N GLY B 77 -11.60 5.40 -9.18
CA GLY B 77 -12.90 5.56 -8.53
C GLY B 77 -13.35 4.38 -7.70
N LEU B 78 -12.67 3.25 -7.81
CA LEU B 78 -12.91 2.11 -6.95
C LEU B 78 -12.03 2.14 -5.71
N ILE B 79 -11.15 3.15 -5.60
CA ILE B 79 -10.19 3.27 -4.52
C ILE B 79 -10.45 4.52 -3.68
N GLY B 80 -10.66 5.67 -4.35
CA GLY B 80 -11.07 6.88 -3.66
C GLY B 80 -9.94 7.85 -3.33
N ASP B 81 -9.95 9.01 -3.99
CA ASP B 81 -8.89 10.02 -3.79
C ASP B 81 -9.09 10.70 -2.44
N PRO B 82 -8.17 10.56 -1.48
CA PRO B 82 -8.33 11.22 -0.17
C PRO B 82 -7.91 12.69 -0.13
N SER B 83 -7.37 13.24 -1.21
CA SER B 83 -6.59 14.47 -1.11
C SER B 83 -7.43 15.63 -0.59
N PHE B 84 -6.99 16.24 0.52
CA PHE B 84 -7.66 17.38 1.14
C PHE B 84 -9.13 17.09 1.44
N LYS B 85 -9.45 15.81 1.62
CA LYS B 85 -10.77 15.38 2.08
C LYS B 85 -10.70 15.10 3.57
N ALA B 86 -11.67 15.63 4.31
CA ALA B 86 -11.62 15.53 5.77
C ALA B 86 -11.83 14.11 6.26
N ALA B 87 -12.45 13.25 5.47
CA ALA B 87 -12.99 12.01 6.01
C ALA B 87 -12.89 10.91 4.96
N GLU B 88 -12.60 9.70 5.44
CA GLU B 88 -12.68 8.50 4.62
C GLU B 88 -14.01 8.42 3.88
N ARG B 89 -13.97 7.95 2.63
CA ARG B 89 -15.18 7.76 1.85
C ARG B 89 -15.57 6.29 1.85
N LYS B 90 -16.87 6.03 1.75
CA LYS B 90 -17.34 4.66 1.62
C LYS B 90 -16.99 4.15 0.23
N LEU B 91 -16.67 2.86 0.12
CA LEU B 91 -16.36 2.27 -1.18
C LEU B 91 -17.63 2.16 -2.01
N ASN B 92 -17.52 2.42 -3.31
CA ASN B 92 -18.66 2.23 -4.19
C ASN B 92 -18.53 0.90 -4.93
N THR B 93 -19.67 0.32 -5.29
CA THR B 93 -19.63 -0.98 -5.93
C THR B 93 -19.13 -0.84 -7.36
N GLU B 94 -18.67 -1.97 -7.92
CA GLU B 94 -18.20 -1.96 -9.30
C GLU B 94 -19.33 -1.59 -10.26
N GLU B 95 -20.55 -2.08 -9.97
CA GLU B 95 -21.68 -1.80 -10.86
C GLU B 95 -21.99 -0.31 -10.93
N THR B 96 -22.10 0.36 -9.77
CA THR B 96 -22.46 1.77 -9.85
C THR B 96 -21.31 2.61 -10.37
N VAL B 97 -20.06 2.24 -10.10
CA VAL B 97 -18.95 3.03 -10.63
C VAL B 97 -18.93 2.95 -12.14
N GLN B 98 -19.18 1.76 -12.70
CA GLN B 98 -19.22 1.65 -14.16
C GLN B 98 -20.31 2.53 -14.75
N GLU B 99 -21.48 2.60 -14.08
CA GLU B 99 -22.56 3.48 -14.55
C GLU B 99 -22.08 4.91 -14.66
N TRP B 100 -21.49 5.41 -13.56
CA TRP B 100 -21.00 6.78 -13.52
C TRP B 100 -19.93 7.02 -14.57
N VAL B 101 -19.06 6.02 -14.81
CA VAL B 101 -17.98 6.20 -15.79
C VAL B 101 -18.56 6.55 -17.16
N ASP B 102 -19.57 5.79 -17.60
CA ASP B 102 -20.08 6.02 -18.94
C ASP B 102 -20.82 7.35 -19.01
N LYS B 103 -21.57 7.71 -17.96
CA LYS B 103 -22.23 9.01 -17.95
C LYS B 103 -21.21 10.15 -17.94
N ILE B 104 -20.13 10.02 -17.16
CA ILE B 104 -19.14 11.09 -17.13
C ILE B 104 -18.37 11.15 -18.45
N ARG B 105 -18.04 9.99 -19.03
CA ARG B 105 -17.36 10.03 -20.32
C ARG B 105 -18.21 10.73 -21.37
N LYS B 106 -19.52 10.46 -21.40
CA LYS B 106 -20.40 11.12 -22.36
C LYS B 106 -20.59 12.60 -22.04
N GLN B 107 -20.55 12.99 -20.77
CA GLN B 107 -20.62 14.41 -20.43
C GLN B 107 -19.40 15.16 -20.96
N VAL B 108 -18.23 14.53 -20.83
CA VAL B 108 -16.97 15.18 -21.17
C VAL B 108 -16.80 15.32 -22.68
N ALA B 109 -17.23 14.30 -23.42
CA ALA B 109 -16.90 14.23 -24.85
C ALA B 109 -17.21 15.51 -25.61
N PRO B 110 -18.42 16.11 -25.53
CA PRO B 110 -18.70 17.30 -26.38
C PRO B 110 -17.77 18.48 -26.13
N PHE B 111 -17.03 18.52 -25.00
CA PHE B 111 -16.15 19.65 -24.74
C PHE B 111 -14.81 19.60 -25.48
N LEU B 112 -14.51 18.52 -26.23
CA LEU B 112 -13.23 18.38 -26.90
C LEU B 112 -13.44 17.91 -28.33
N ASP B 113 -12.44 18.15 -29.19
CA ASP B 113 -12.51 17.78 -30.60
C ASP B 113 -11.87 16.40 -30.80
N PHE B 114 -12.71 15.40 -31.05
CA PHE B 114 -12.26 14.04 -31.30
C PHE B 114 -11.99 13.76 -32.79
N ASP B 115 -12.03 14.79 -33.64
CA ASP B 115 -11.93 14.60 -35.09
C ASP B 115 -11.31 15.84 -35.73
N CYS B 116 -10.06 16.14 -35.37
CA CYS B 116 -9.35 17.29 -35.89
C CYS B 116 -7.90 16.93 -36.19
N GLY B 117 -7.70 15.76 -36.78
CA GLY B 117 -6.38 15.37 -37.24
C GLY B 117 -5.50 14.83 -36.15
N GLU B 118 -4.21 15.18 -36.21
CA GLU B 118 -3.22 14.60 -35.32
C GLU B 118 -3.53 14.88 -33.86
N ASN B 119 -4.03 16.07 -33.55
CA ASN B 119 -4.24 16.48 -32.17
C ASN B 119 -5.67 16.18 -31.68
N SER B 120 -6.36 15.23 -32.31
CA SER B 120 -7.68 14.82 -31.86
C SER B 120 -7.63 14.31 -30.42
N ALA B 121 -8.69 14.59 -29.67
CA ALA B 121 -8.75 14.21 -28.28
C ALA B 121 -8.86 12.69 -28.15
N ILE B 122 -8.44 12.19 -26.99
CA ILE B 122 -8.47 10.77 -26.67
C ILE B 122 -9.19 10.58 -25.34
N ALA B 123 -10.10 9.61 -25.29
CA ALA B 123 -10.74 9.22 -24.05
C ALA B 123 -9.98 8.02 -23.49
N ALA B 124 -9.61 8.08 -22.21
CA ALA B 124 -8.89 7.00 -21.55
C ALA B 124 -9.59 6.63 -20.24
N ASN B 125 -9.30 5.41 -19.77
CA ASN B 125 -9.88 4.86 -18.54
C ASN B 125 -8.80 4.00 -17.90
N ASN B 126 -8.36 4.33 -16.67
CA ASN B 126 -7.24 3.60 -16.07
C ASN B 126 -7.64 2.20 -15.61
N TYR B 127 -8.92 1.84 -15.67
CA TYR B 127 -9.27 0.45 -15.44
C TYR B 127 -8.66 -0.47 -16.49
N ASP B 128 -8.37 0.06 -17.69
CA ASP B 128 -7.80 -0.75 -18.78
C ASP B 128 -6.45 -1.35 -18.42
N TRP B 129 -5.71 -0.74 -17.49
CA TRP B 129 -4.47 -1.33 -17.02
C TRP B 129 -4.47 -1.73 -15.57
N PHE B 130 -5.31 -1.11 -14.73
CA PHE B 130 -5.33 -1.56 -13.34
C PHE B 130 -6.29 -2.72 -13.10
N GLY B 131 -7.29 -2.89 -13.97
CA GLY B 131 -8.30 -3.92 -13.77
C GLY B 131 -7.75 -5.33 -13.78
N ASN B 132 -6.56 -5.54 -14.35
CA ASN B 132 -5.98 -6.87 -14.43
C ASN B 132 -4.53 -6.93 -13.97
N MET B 133 -4.05 -5.90 -13.28
CA MET B 133 -2.67 -5.91 -12.80
C MET B 133 -2.57 -6.77 -11.53
N ASN B 134 -1.61 -7.67 -11.51
CA ASN B 134 -1.39 -8.50 -10.32
C ASN B 134 -0.84 -7.65 -9.18
N VAL B 135 -1.23 -8.01 -7.96
CA VAL B 135 -0.83 -7.17 -6.82
C VAL B 135 0.69 -7.19 -6.60
N LEU B 136 1.34 -8.35 -6.77
CA LEU B 136 2.79 -8.43 -6.59
C LEU B 136 3.51 -7.58 -7.64
N THR B 137 3.04 -7.66 -8.89
CA THR B 137 3.56 -6.81 -9.95
C THR B 137 3.43 -5.35 -9.57
N PHE B 138 2.31 -4.99 -8.94
CA PHE B 138 2.09 -3.61 -8.55
C PHE B 138 3.03 -3.20 -7.41
N LEU B 139 3.09 -4.01 -6.35
CA LEU B 139 3.91 -3.65 -5.20
C LEU B 139 5.40 -3.59 -5.57
N ARG B 140 5.83 -4.42 -6.51
CA ARG B 140 7.24 -4.46 -6.89
C ARG B 140 7.57 -3.39 -7.92
N ASP B 141 6.87 -3.41 -9.05
CA ASP B 141 7.25 -2.55 -10.16
C ASP B 141 6.94 -1.09 -9.89
N ILE B 142 5.91 -0.81 -9.09
CA ILE B 142 5.48 0.55 -8.84
C ILE B 142 5.79 0.97 -7.41
N GLY B 143 5.31 0.20 -6.42
CA GLY B 143 5.45 0.59 -5.02
C GLY B 143 6.88 0.68 -4.48
N LYS B 144 7.85 0.04 -5.15
CA LYS B 144 9.23 0.15 -4.67
C LYS B 144 9.78 1.55 -4.85
N HIS B 145 9.23 2.31 -5.81
CA HIS B 145 9.70 3.66 -6.09
C HIS B 145 9.07 4.70 -5.17
N PHE B 146 8.23 4.28 -4.23
CA PHE B 146 7.51 5.20 -3.37
C PHE B 146 8.03 5.06 -1.95
N SER B 147 8.48 6.18 -1.38
CA SER B 147 8.87 6.24 0.02
C SER B 147 7.63 6.57 0.86
N VAL B 148 7.39 5.74 1.88
CA VAL B 148 6.28 6.04 2.80
C VAL B 148 6.58 7.30 3.59
N ASN B 149 7.85 7.48 3.98
CA ASN B 149 8.26 8.71 4.64
C ASN B 149 7.83 9.94 3.84
N GLN B 150 7.95 9.88 2.51
CA GLN B 150 7.53 11.01 1.69
C GLN B 150 6.01 11.07 1.57
N MET B 151 5.35 9.92 1.40
CA MET B 151 3.89 9.91 1.22
C MET B 151 3.17 10.56 2.40
N ILE B 152 3.64 10.29 3.62
CA ILE B 152 2.97 10.83 4.80
C ILE B 152 3.29 12.30 5.00
N ASN B 153 4.22 12.85 4.23
CA ASN B 153 4.44 14.29 4.22
C ASN B 153 3.74 15.02 3.09
N LYS B 154 2.96 14.34 2.25
CA LYS B 154 2.15 15.05 1.26
C LYS B 154 1.09 15.89 1.95
N GLU B 155 1.00 17.16 1.55
CA GLU B 155 0.04 18.09 2.16
C GLU B 155 -1.38 17.54 2.09
N ALA B 156 -1.68 16.81 1.02
CA ALA B 156 -3.04 16.31 0.79
C ALA B 156 -3.53 15.38 1.89
N VAL B 157 -2.63 14.66 2.57
CA VAL B 157 -3.01 13.66 3.57
C VAL B 157 -2.58 14.01 4.99
N LYS B 158 -1.90 15.15 5.19
CA LYS B 158 -1.43 15.51 6.54
C LYS B 158 -2.57 15.60 7.55
N GLN B 159 -3.74 16.12 7.16
CA GLN B 159 -4.85 16.23 8.10
C GLN B 159 -5.43 14.87 8.49
N ARG B 160 -5.19 13.82 7.68
CA ARG B 160 -5.68 12.48 7.99
C ARG B 160 -4.70 11.62 8.80
N LEU B 161 -3.46 12.08 9.05
CA LEU B 161 -2.44 11.23 9.65
C LEU B 161 -2.14 11.59 11.10
N ASN B 162 -3.08 12.21 11.79
CA ASN B 162 -2.86 12.64 13.16
C ASN B 162 -3.66 11.84 14.18
N ARG B 163 -4.86 11.39 13.83
CA ARG B 163 -5.72 10.67 14.76
C ARG B 163 -6.46 9.59 13.99
N GLU B 164 -6.52 8.40 14.60
CA GLU B 164 -7.10 7.24 13.92
C GLU B 164 -8.57 7.45 13.58
N ASP B 165 -9.32 8.10 14.48
CA ASP B 165 -10.75 8.35 14.28
C ASP B 165 -11.03 9.35 13.17
N GLN B 166 -10.02 10.06 12.69
CA GLN B 166 -10.13 10.84 11.47
C GLN B 166 -8.96 10.47 10.57
N GLY B 167 -8.78 9.17 10.38
CA GLY B 167 -7.60 8.62 9.77
C GLY B 167 -7.83 8.24 8.33
N ILE B 168 -6.92 7.42 7.80
CA ILE B 168 -6.96 7.06 6.40
C ILE B 168 -6.63 5.58 6.27
N SER B 169 -7.43 4.86 5.49
CA SER B 169 -7.21 3.45 5.25
C SER B 169 -6.04 3.24 4.30
N PHE B 170 -5.45 2.05 4.37
CA PHE B 170 -4.45 1.66 3.38
C PHE B 170 -4.98 1.83 1.97
N THR B 171 -6.27 1.56 1.77
CA THR B 171 -6.92 1.79 0.47
C THR B 171 -6.68 3.20 -0.05
N GLU B 172 -7.16 4.21 0.69
CA GLU B 172 -7.06 5.57 0.17
C GLU B 172 -5.61 6.06 0.19
N PHE B 173 -4.78 5.52 1.09
CA PHE B 173 -3.37 5.88 1.14
C PHE B 173 -2.65 5.46 -0.12
N SER B 174 -3.10 4.38 -0.77
CA SER B 174 -2.42 3.92 -1.96
C SER B 174 -2.84 4.67 -3.22
N TYR B 175 -3.91 5.48 -3.14
CA TYR B 175 -4.42 6.16 -4.33
C TYR B 175 -3.30 6.90 -5.05
N ASN B 176 -2.43 7.58 -4.29
CA ASN B 176 -1.34 8.36 -4.87
C ASN B 176 -0.49 7.54 -5.84
N LEU B 177 -0.30 6.24 -5.60
CA LEU B 177 0.48 5.40 -6.53
C LEU B 177 -0.27 5.09 -7.81
N LEU B 178 -1.59 4.94 -7.76
CA LEU B 178 -2.32 4.65 -8.99
C LEU B 178 -2.28 5.86 -9.93
N GLN B 179 -2.50 7.06 -9.40
CA GLN B 179 -2.45 8.26 -10.23
C GLN B 179 -1.04 8.53 -10.72
N GLY B 180 -0.03 8.24 -9.88
CA GLY B 180 1.35 8.32 -10.32
C GLY B 180 1.64 7.42 -11.51
N TYR B 181 1.19 6.17 -11.44
CA TYR B 181 1.42 5.25 -12.55
C TYR B 181 0.66 5.64 -13.81
N ASP B 182 -0.57 6.16 -13.65
CA ASP B 182 -1.33 6.63 -14.81
C ASP B 182 -0.49 7.53 -15.70
N PHE B 183 0.20 8.49 -15.08
CA PHE B 183 1.03 9.43 -15.81
C PHE B 183 2.12 8.68 -16.58
N ALA B 184 2.81 7.75 -15.93
CA ALA B 184 3.85 6.98 -16.61
C ALA B 184 3.24 6.15 -17.73
N CYS B 185 2.08 5.55 -17.47
CA CYS B 185 1.39 4.73 -18.46
C CYS B 185 0.99 5.56 -19.68
N LEU B 186 0.40 6.74 -19.45
CA LEU B 186 -0.01 7.58 -20.57
C LEU B 186 1.19 8.14 -21.32
N ASN B 187 2.29 8.42 -20.61
CA ASN B 187 3.53 8.81 -21.29
C ASN B 187 3.98 7.73 -22.28
N LYS B 188 4.02 6.48 -21.83
CA LYS B 188 4.46 5.40 -22.72
C LYS B 188 3.46 5.14 -23.84
N GLN B 189 2.16 5.21 -23.54
CA GLN B 189 1.15 4.85 -24.53
C GLN B 189 1.03 5.92 -25.62
N TYR B 190 1.02 7.19 -25.22
CA TYR B 190 0.66 8.29 -26.11
C TYR B 190 1.71 9.39 -26.15
N GLY B 191 2.81 9.25 -25.43
CA GLY B 191 3.75 10.35 -25.41
C GLY B 191 3.28 11.54 -24.61
N VAL B 192 2.32 11.34 -23.69
CA VAL B 192 1.85 12.40 -22.81
C VAL B 192 3.01 12.92 -21.99
N VAL B 193 3.26 14.22 -22.05
CA VAL B 193 4.33 14.85 -21.29
C VAL B 193 3.84 15.89 -20.30
N LEU B 194 2.52 16.09 -20.17
CA LEU B 194 2.01 17.08 -19.23
C LEU B 194 0.73 16.57 -18.58
N GLN B 195 0.58 16.80 -17.28
CA GLN B 195 -0.68 16.53 -16.58
C GLN B 195 -1.16 17.83 -15.95
N ILE B 196 -2.44 18.14 -16.14
CA ILE B 196 -3.04 19.28 -15.46
C ILE B 196 -4.13 18.79 -14.51
N GLY B 197 -4.54 19.69 -13.63
CA GLY B 197 -5.57 19.40 -12.65
C GLY B 197 -5.62 20.57 -11.69
N GLY B 198 -6.56 20.49 -10.76
CA GLY B 198 -6.64 21.52 -9.74
C GLY B 198 -5.50 21.44 -8.75
N SER B 199 -5.29 22.52 -8.00
CA SER B 199 -4.13 22.56 -7.12
C SER B 199 -4.22 21.48 -6.04
N ASP B 200 -5.41 20.96 -5.76
CA ASP B 200 -5.54 19.81 -4.86
C ASP B 200 -4.85 18.58 -5.40
N GLN B 201 -4.61 18.51 -6.71
CA GLN B 201 -3.97 17.35 -7.32
C GLN B 201 -2.44 17.45 -7.41
N TRP B 202 -1.83 18.52 -6.89
CA TRP B 202 -0.39 18.74 -7.06
C TRP B 202 0.43 17.50 -6.65
N GLY B 203 0.23 17.03 -5.41
CA GLY B 203 0.98 15.86 -4.94
C GLY B 203 0.76 14.61 -5.78
N ASN B 204 -0.47 14.42 -6.27
CA ASN B 204 -0.70 13.26 -7.13
C ASN B 204 0.03 13.43 -8.48
N ILE B 205 0.18 14.67 -8.92
CA ILE B 205 0.83 14.94 -10.21
C ILE B 205 2.34 14.76 -10.07
N THR B 206 2.96 15.34 -9.04
CA THR B 206 4.40 15.24 -8.88
C THR B 206 4.84 13.81 -8.57
N SER B 207 3.98 12.98 -7.97
CA SER B 207 4.31 11.57 -7.81
C SER B 207 4.40 10.87 -9.17
N GLY B 208 3.56 11.28 -10.13
CA GLY B 208 3.64 10.74 -11.48
C GLY B 208 4.82 11.26 -12.27
N ILE B 209 5.23 12.51 -12.02
CA ILE B 209 6.42 13.01 -12.69
C ILE B 209 7.63 12.21 -12.24
N ASP B 210 7.75 12.00 -10.92
CA ASP B 210 8.86 11.22 -10.37
C ASP B 210 8.85 9.79 -10.91
N LEU B 211 7.72 9.08 -10.77
CA LEU B 211 7.65 7.70 -11.22
C LEU B 211 7.98 7.58 -12.70
N THR B 212 7.54 8.54 -13.52
CA THR B 212 7.85 8.45 -14.94
C THR B 212 9.35 8.51 -15.18
N ARG B 213 10.08 9.32 -14.41
CA ARG B 213 11.54 9.30 -14.49
C ARG B 213 12.11 7.94 -14.11
N ARG B 214 11.56 7.31 -13.06
CA ARG B 214 12.09 6.05 -12.55
C ARG B 214 11.78 4.90 -13.51
N LEU B 215 10.58 4.90 -14.09
CA LEU B 215 10.12 3.79 -14.91
C LEU B 215 10.58 3.90 -16.36
N HIS B 216 10.44 5.07 -16.94
CA HIS B 216 10.68 5.25 -18.37
C HIS B 216 11.82 6.20 -18.71
N GLN B 217 12.49 6.78 -17.72
CA GLN B 217 13.61 7.69 -17.95
C GLN B 217 13.21 8.81 -18.92
N ASN B 218 12.05 9.38 -18.66
CA ASN B 218 11.47 10.44 -19.46
C ASN B 218 11.11 11.63 -18.58
N GLN B 219 11.34 12.82 -19.10
CA GLN B 219 10.97 14.05 -18.41
C GLN B 219 9.54 14.44 -18.78
N VAL B 220 8.70 14.63 -17.77
CA VAL B 220 7.33 15.14 -17.94
C VAL B 220 7.10 16.24 -16.92
N PHE B 221 5.97 16.95 -17.08
CA PHE B 221 5.72 18.17 -16.33
C PHE B 221 4.31 18.17 -15.75
N GLY B 222 4.09 19.06 -14.80
CA GLY B 222 2.78 19.25 -14.22
C GLY B 222 2.40 20.72 -14.13
N LEU B 223 1.11 20.98 -14.32
CA LEU B 223 0.58 22.33 -14.18
C LEU B 223 -0.77 22.25 -13.47
N THR B 224 -0.94 23.03 -12.41
CA THR B 224 -2.21 23.02 -11.71
C THR B 224 -2.99 24.31 -11.95
N VAL B 225 -4.31 24.21 -11.83
CA VAL B 225 -5.22 25.34 -11.92
C VAL B 225 -5.76 25.63 -10.53
N PRO B 226 -6.08 26.87 -10.20
CA PRO B 226 -6.46 27.20 -8.83
C PRO B 226 -7.84 26.65 -8.49
N LEU B 227 -8.06 26.46 -7.20
CA LEU B 227 -9.38 26.26 -6.63
C LEU B 227 -9.94 27.63 -6.29
N ILE B 228 -11.17 27.88 -6.70
CA ILE B 228 -11.76 29.22 -6.60
C ILE B 228 -12.32 29.42 -5.21
N THR B 229 -11.80 30.42 -4.51
CA THR B 229 -12.41 30.95 -3.29
C THR B 229 -13.00 32.30 -3.64
N LYS B 230 -14.32 32.44 -3.47
CA LYS B 230 -14.97 33.69 -3.81
C LYS B 230 -14.50 34.79 -2.87
N ALA B 231 -14.68 36.04 -3.33
CA ALA B 231 -14.16 37.18 -2.59
C ALA B 231 -14.78 37.34 -1.21
N ASP B 232 -15.89 36.66 -0.93
CA ASP B 232 -16.52 36.72 0.39
C ASP B 232 -16.12 35.55 1.28
N GLY B 233 -15.01 34.86 0.95
CA GLY B 233 -14.47 33.82 1.80
C GLY B 233 -15.07 32.44 1.63
N THR B 234 -16.26 32.33 1.03
CA THR B 234 -16.92 31.04 0.91
C THR B 234 -16.37 30.26 -0.28
N LYS B 235 -16.39 28.93 -0.16
CA LYS B 235 -15.87 28.09 -1.21
C LYS B 235 -16.83 28.08 -2.41
N PHE B 236 -16.26 27.97 -3.60
CA PHE B 236 -17.03 28.08 -4.82
C PHE B 236 -18.02 26.93 -4.96
N GLY B 237 -19.19 27.23 -5.52
CA GLY B 237 -20.16 26.23 -5.92
C GLY B 237 -21.16 25.85 -4.86
N LYS B 238 -20.77 25.92 -3.59
CA LYS B 238 -21.66 25.52 -2.49
C LYS B 238 -22.66 26.62 -2.17
N GLY B 242 -26.75 23.53 -2.60
CA GLY B 242 -25.70 22.58 -2.90
C GLY B 242 -24.91 22.87 -4.16
N ALA B 243 -24.49 21.81 -4.86
CA ALA B 243 -23.65 21.96 -6.03
C ALA B 243 -24.49 22.23 -7.28
N VAL B 244 -23.82 22.78 -8.29
CA VAL B 244 -24.43 23.07 -9.58
C VAL B 244 -23.93 22.01 -10.56
N TRP B 245 -24.82 21.11 -10.97
CA TRP B 245 -24.42 19.97 -11.79
C TRP B 245 -24.52 20.28 -13.27
N LEU B 246 -23.69 19.63 -14.09
CA LEU B 246 -23.82 19.83 -15.52
C LEU B 246 -25.07 19.17 -16.09
N ASP B 247 -25.53 18.10 -15.46
CA ASP B 247 -26.68 17.32 -15.91
C ASP B 247 -27.97 18.10 -15.70
N PRO B 248 -28.76 18.40 -16.75
CA PRO B 248 -29.98 19.21 -16.56
C PRO B 248 -31.06 18.53 -15.76
N LYS B 249 -30.99 17.20 -15.60
CA LYS B 249 -31.92 16.52 -14.71
C LYS B 249 -31.55 16.69 -13.25
N LYS B 250 -30.36 17.21 -12.95
CA LYS B 250 -29.98 17.51 -11.57
C LYS B 250 -29.99 18.99 -11.27
N THR B 251 -29.69 19.82 -12.28
CA THR B 251 -29.76 21.26 -12.17
C THR B 251 -30.31 21.77 -13.48
N SER B 252 -31.51 22.34 -13.46
CA SER B 252 -32.13 22.75 -14.70
C SER B 252 -31.31 23.84 -15.36
N PRO B 253 -31.35 23.95 -16.67
CA PRO B 253 -30.72 25.09 -17.34
C PRO B 253 -31.17 26.45 -16.80
N TYR B 254 -32.42 26.60 -16.37
CA TYR B 254 -32.85 27.86 -15.78
C TYR B 254 -32.08 28.12 -14.48
N LYS B 255 -32.02 27.13 -13.59
CA LYS B 255 -31.27 27.28 -12.35
C LYS B 255 -29.78 27.53 -12.62
N PHE B 256 -29.24 26.83 -13.60
CA PHE B 256 -27.83 27.00 -13.99
C PHE B 256 -27.54 28.43 -14.39
N TYR B 257 -28.40 28.99 -15.25
CA TYR B 257 -28.25 30.35 -15.78
C TYR B 257 -28.37 31.40 -14.67
N GLN B 258 -29.37 31.24 -13.79
CA GLN B 258 -29.53 32.17 -12.69
C GLN B 258 -28.32 32.16 -11.76
N PHE B 259 -27.72 30.99 -11.54
CA PHE B 259 -26.51 30.94 -10.73
C PHE B 259 -25.47 31.93 -11.25
N TRP B 260 -25.23 31.92 -12.55
CA TRP B 260 -24.23 32.82 -13.13
C TRP B 260 -24.72 34.27 -13.15
N ILE B 261 -26.01 34.49 -13.41
CA ILE B 261 -26.54 35.86 -13.41
C ILE B 261 -26.24 36.55 -12.08
N ASN B 262 -26.32 35.79 -10.99
CA ASN B 262 -26.20 36.35 -9.66
C ASN B 262 -24.77 36.33 -9.10
N THR B 263 -23.76 36.07 -9.95
CA THR B 263 -22.37 36.21 -9.52
C THR B 263 -22.11 37.59 -8.93
N ALA B 264 -21.27 37.64 -7.89
CA ALA B 264 -20.91 38.90 -7.28
C ALA B 264 -19.97 39.68 -8.20
N ASP B 265 -20.09 41.01 -8.17
CA ASP B 265 -19.29 41.84 -9.07
C ASP B 265 -17.79 41.64 -8.83
N ALA B 266 -17.40 41.33 -7.59
CA ALA B 266 -15.99 41.07 -7.31
C ALA B 266 -15.52 39.75 -7.90
N ASP B 267 -16.44 38.87 -8.29
CA ASP B 267 -16.05 37.59 -8.84
C ASP B 267 -16.21 37.49 -10.35
N VAL B 268 -17.01 38.38 -10.96
CA VAL B 268 -17.55 38.05 -12.27
C VAL B 268 -16.46 38.07 -13.35
N TYR B 269 -15.48 38.94 -13.21
CA TYR B 269 -14.42 39.01 -14.21
C TYR B 269 -13.43 37.88 -14.04
N ARG B 270 -13.18 37.46 -12.79
CA ARG B 270 -12.41 36.24 -12.57
C ARG B 270 -13.11 35.02 -13.16
N PHE B 271 -14.46 35.01 -13.10
CA PHE B 271 -15.24 33.87 -13.56
C PHE B 271 -15.36 33.83 -15.08
N LEU B 272 -15.44 34.99 -15.75
CA LEU B 272 -15.34 34.98 -17.20
C LEU B 272 -14.01 34.36 -17.65
N LYS B 273 -12.91 34.75 -17.01
CA LYS B 273 -11.60 34.20 -17.37
C LYS B 273 -11.54 32.69 -17.16
N PHE B 274 -12.22 32.19 -16.12
CA PHE B 274 -12.14 30.79 -15.78
C PHE B 274 -13.09 29.95 -16.63
N PHE B 275 -14.31 30.41 -16.85
CA PHE B 275 -15.34 29.54 -17.40
C PHE B 275 -15.71 29.88 -18.83
N THR B 276 -15.02 30.82 -19.48
CA THR B 276 -15.36 31.18 -20.86
C THR B 276 -14.14 31.19 -21.74
N PHE B 277 -14.40 31.26 -23.05
CA PHE B 277 -13.36 31.40 -24.06
C PHE B 277 -13.28 32.81 -24.62
N MET B 278 -13.87 33.78 -23.92
CA MET B 278 -13.68 35.17 -24.32
C MET B 278 -12.22 35.55 -24.19
N SER B 279 -11.77 36.42 -25.09
CA SER B 279 -10.39 36.89 -25.02
C SER B 279 -10.16 37.66 -23.73
N ILE B 280 -8.92 37.65 -23.27
CA ILE B 280 -8.57 38.44 -22.09
C ILE B 280 -8.74 39.94 -22.39
N GLU B 281 -8.42 40.37 -23.61
CA GLU B 281 -8.59 41.77 -23.96
C GLU B 281 -10.05 42.19 -23.85
N GLU B 282 -10.97 41.33 -24.30
CA GLU B 282 -12.38 41.70 -24.18
C GLU B 282 -12.82 41.73 -22.72
N ILE B 283 -12.42 40.72 -21.93
CA ILE B 283 -12.80 40.70 -20.52
C ILE B 283 -12.34 41.97 -19.82
N ASN B 284 -11.09 42.38 -20.05
CA ASN B 284 -10.59 43.62 -19.47
C ASN B 284 -11.40 44.83 -19.93
N ALA B 285 -11.75 44.86 -21.22
CA ALA B 285 -12.55 45.96 -21.74
C ALA B 285 -13.92 46.01 -21.08
N LEU B 286 -14.53 44.85 -20.86
CA LEU B 286 -15.82 44.81 -20.18
C LEU B 286 -15.69 45.32 -18.75
N GLU B 287 -14.56 45.03 -18.09
CA GLU B 287 -14.39 45.50 -16.72
C GLU B 287 -14.32 47.01 -16.63
N GLU B 288 -13.93 47.69 -17.71
CA GLU B 288 -13.84 49.14 -17.69
C GLU B 288 -15.19 49.77 -17.34
N GLU B 289 -16.27 49.16 -17.80
CA GLU B 289 -17.61 49.56 -17.39
C GLU B 289 -17.80 49.40 -15.90
N LYS B 291 -16.60 52.83 -17.47
CA LYS B 291 -17.51 52.91 -16.34
C LYS B 291 -18.88 53.40 -16.80
N ASN B 292 -19.04 53.50 -18.13
CA ASN B 292 -20.28 53.99 -18.70
C ASN B 292 -21.45 53.10 -18.28
N SER B 293 -22.54 53.74 -17.89
CA SER B 293 -23.56 53.09 -17.08
C SER B 293 -24.62 52.32 -17.89
N PRO B 297 -23.90 46.61 -15.08
CA PRO B 297 -22.84 45.88 -15.78
C PRO B 297 -23.39 44.72 -16.61
N ARG B 298 -22.93 44.60 -17.86
CA ARG B 298 -23.32 43.49 -18.71
C ARG B 298 -22.61 42.18 -18.35
N ALA B 299 -21.52 42.25 -17.56
CA ALA B 299 -20.63 41.08 -17.37
C ALA B 299 -21.41 39.85 -16.92
N GLN B 300 -22.20 39.97 -15.85
CA GLN B 300 -22.96 38.81 -15.37
C GLN B 300 -23.84 38.22 -16.47
N TYR B 301 -24.41 39.07 -17.33
CA TYR B 301 -25.27 38.56 -18.39
C TYR B 301 -24.45 37.86 -19.45
N VAL B 302 -23.29 38.42 -19.79
CA VAL B 302 -22.38 37.76 -20.72
C VAL B 302 -21.88 36.44 -20.15
N LEU B 303 -21.58 36.41 -18.84
CA LEU B 303 -21.12 35.17 -18.21
C LEU B 303 -22.21 34.09 -18.28
N ALA B 304 -23.42 34.44 -17.82
CA ALA B 304 -24.53 33.48 -17.87
C ALA B 304 -24.79 33.03 -19.31
N GLU B 305 -24.78 33.96 -20.27
CA GLU B 305 -25.02 33.59 -21.65
C GLU B 305 -23.95 32.61 -22.15
N GLN B 306 -22.67 32.93 -21.90
CA GLN B 306 -21.59 32.09 -22.41
C GLN B 306 -21.65 30.70 -21.81
N VAL B 307 -21.62 30.60 -20.48
CA VAL B 307 -21.48 29.27 -19.89
C VAL B 307 -22.73 28.44 -20.13
N THR B 308 -23.93 29.08 -20.12
CA THR B 308 -25.15 28.30 -20.34
C THR B 308 -25.20 27.76 -21.75
N ARG B 309 -24.78 28.59 -22.72
CA ARG B 309 -24.67 28.10 -24.09
C ARG B 309 -23.67 26.96 -24.16
N LEU B 310 -22.54 27.12 -23.47
CA LEU B 310 -21.51 26.08 -23.46
C LEU B 310 -22.08 24.75 -22.99
N VAL B 311 -22.71 24.76 -21.82
CA VAL B 311 -23.09 23.50 -21.17
C VAL B 311 -24.41 22.98 -21.73
N HIS B 312 -25.37 23.85 -22.01
CA HIS B 312 -26.71 23.42 -22.37
C HIS B 312 -27.13 23.79 -23.79
N GLY B 313 -26.23 24.36 -24.58
CA GLY B 313 -26.53 24.65 -25.97
C GLY B 313 -27.42 25.88 -26.08
N GLU B 314 -27.66 26.29 -27.33
CA GLU B 314 -28.48 27.46 -27.59
C GLU B 314 -29.90 27.24 -27.09
N GLU B 315 -30.41 26.03 -27.25
CA GLU B 315 -31.77 25.75 -26.81
C GLU B 315 -31.88 25.89 -25.30
N GLY B 316 -30.89 25.36 -24.57
CA GLY B 316 -30.90 25.49 -23.13
C GLY B 316 -30.82 26.94 -22.68
N LEU B 317 -30.04 27.73 -23.41
CA LEU B 317 -29.92 29.15 -23.09
C LEU B 317 -31.23 29.89 -23.35
N GLN B 318 -31.89 29.60 -24.48
CA GLN B 318 -33.15 30.27 -24.77
C GLN B 318 -34.23 29.87 -23.75
N ALA B 319 -34.26 28.59 -23.36
CA ALA B 319 -35.17 28.15 -22.31
C ALA B 319 -34.94 28.92 -21.02
N ALA B 320 -33.68 29.08 -20.60
CA ALA B 320 -33.40 29.76 -19.34
C ALA B 320 -33.83 31.23 -19.41
N LYS B 321 -33.53 31.89 -20.52
CA LYS B 321 -33.91 33.29 -20.68
C LYS B 321 -35.43 33.44 -20.74
N ARG B 322 -36.11 32.52 -21.47
CA ARG B 322 -37.56 32.56 -21.62
C ARG B 322 -38.26 32.41 -20.26
N ILE B 323 -37.77 31.51 -19.41
CA ILE B 323 -38.37 31.32 -18.08
C ILE B 323 -38.07 32.53 -17.21
N THR B 324 -36.85 33.03 -17.25
CA THR B 324 -36.46 34.21 -16.48
C THR B 324 -37.37 35.38 -16.81
N GLU B 325 -37.61 35.61 -18.09
CA GLU B 325 -38.45 36.72 -18.52
C GLU B 325 -39.92 36.51 -18.12
N CYS B 326 -40.45 35.31 -18.32
CA CYS B 326 -41.85 35.06 -17.96
C CYS B 326 -42.07 35.23 -16.47
N LEU B 327 -41.13 34.76 -15.66
CA LEU B 327 -41.24 34.95 -14.22
C LEU B 327 -41.10 36.40 -13.83
N PHE B 328 -40.32 37.16 -14.60
CA PHE B 328 -40.15 38.56 -14.25
C PHE B 328 -41.37 39.38 -14.64
N SER B 329 -42.03 39.02 -15.75
CA SER B 329 -43.12 39.80 -16.32
C SER B 329 -44.48 39.29 -15.87
N GLY B 330 -44.58 38.04 -15.44
CA GLY B 330 -45.82 37.42 -15.10
C GLY B 330 -46.58 36.82 -16.25
N SER B 331 -46.15 37.05 -17.49
CA SER B 331 -46.88 36.53 -18.64
C SER B 331 -46.29 35.17 -19.02
N LEU B 332 -47.12 34.13 -18.92
CA LEU B 332 -46.64 32.76 -19.00
C LEU B 332 -46.92 32.11 -20.34
N SER B 333 -47.48 32.85 -21.30
CA SER B 333 -47.87 32.21 -22.55
C SER B 333 -46.66 31.68 -23.32
N ALA B 334 -45.48 32.27 -23.10
CA ALA B 334 -44.29 31.79 -23.79
C ALA B 334 -43.79 30.45 -23.25
N LEU B 335 -44.15 30.09 -22.01
CA LEU B 335 -43.61 28.88 -21.40
C LEU B 335 -44.22 27.62 -22.02
N SER B 336 -43.35 26.69 -22.39
CA SER B 336 -43.77 25.36 -22.85
C SER B 336 -44.01 24.44 -21.66
N GLU B 337 -44.51 23.25 -21.95
CA GLU B 337 -44.64 22.26 -20.87
C GLU B 337 -43.28 21.85 -20.33
N ALA B 338 -42.29 21.68 -21.21
CA ALA B 338 -40.93 21.40 -20.73
C ALA B 338 -40.43 22.52 -19.82
N ASP B 339 -40.82 23.77 -20.12
CA ASP B 339 -40.42 24.90 -19.28
C ASP B 339 -41.02 24.78 -17.89
N PHE B 340 -42.33 24.48 -17.79
CA PHE B 340 -42.92 24.30 -16.48
C PHE B 340 -42.25 23.17 -15.72
N GLU B 341 -41.77 22.15 -16.44
CA GLU B 341 -41.08 21.04 -15.78
C GLU B 341 -39.77 21.50 -15.13
N GLN B 342 -39.00 22.37 -15.80
CA GLN B 342 -37.85 23.01 -15.14
C GLN B 342 -38.28 23.73 -13.86
N LEU B 343 -39.36 24.52 -13.94
CA LEU B 343 -39.87 25.22 -12.75
C LEU B 343 -40.18 24.23 -11.63
N ALA B 344 -40.89 23.15 -11.96
CA ALA B 344 -41.22 22.14 -10.96
C ALA B 344 -39.97 21.49 -10.39
N GLN B 345 -38.99 21.20 -11.25
CA GLN B 345 -37.77 20.52 -10.80
C GLN B 345 -37.04 21.36 -9.74
N ASP B 346 -36.73 22.61 -10.06
CA ASP B 346 -35.93 23.36 -9.10
C ASP B 346 -36.02 24.88 -9.26
N GLY B 347 -36.91 25.36 -10.14
CA GLY B 347 -36.95 26.77 -10.45
C GLY B 347 -37.66 27.63 -9.42
N VAL B 348 -38.78 27.14 -8.92
CA VAL B 348 -39.58 27.81 -7.91
C VAL B 348 -40.13 26.78 -6.95
N PRO B 349 -40.48 27.17 -5.73
CA PRO B 349 -41.21 26.26 -4.85
C PRO B 349 -42.42 25.68 -5.58
N MET B 350 -42.67 24.40 -5.34
CA MET B 350 -43.81 23.71 -5.92
C MET B 350 -44.52 22.92 -4.84
N VAL B 351 -45.81 22.68 -5.07
CA VAL B 351 -46.61 21.84 -4.19
C VAL B 351 -47.61 21.05 -5.02
N GLU B 352 -47.80 19.77 -4.67
CA GLU B 352 -48.79 18.93 -5.33
C GLU B 352 -50.13 19.06 -4.61
N MET B 353 -51.21 19.11 -5.40
CA MET B 353 -52.56 19.29 -4.87
C MET B 353 -53.58 18.53 -5.69
N GLU B 354 -54.58 17.97 -5.00
CA GLU B 354 -55.74 17.40 -5.67
C GLU B 354 -56.58 18.50 -6.34
N LYS B 355 -57.03 18.22 -7.57
CA LYS B 355 -57.91 19.15 -8.26
C LYS B 355 -59.22 19.34 -7.49
N GLY B 356 -59.78 20.54 -7.56
CA GLY B 356 -60.92 20.91 -6.74
C GLY B 356 -60.59 21.71 -5.50
N ALA B 357 -59.31 21.77 -5.12
CA ALA B 357 -58.91 22.65 -4.03
C ALA B 357 -59.23 24.10 -4.38
N ASP B 358 -59.64 24.89 -3.39
CA ASP B 358 -59.93 26.28 -3.70
C ASP B 358 -58.69 27.15 -3.53
N LEU B 359 -58.80 28.42 -3.96
CA LEU B 359 -57.64 29.30 -3.91
C LEU B 359 -57.14 29.49 -2.50
N MET B 360 -58.05 29.55 -1.53
CA MET B 360 -57.65 29.71 -0.14
C MET B 360 -56.80 28.54 0.32
N GLN B 361 -57.15 27.32 -0.10
CA GLN B 361 -56.41 26.16 0.38
C GLN B 361 -55.05 26.05 -0.29
N ALA B 362 -54.99 26.38 -1.58
CA ALA B 362 -53.71 26.38 -2.28
C ALA B 362 -52.74 27.34 -1.61
N LEU B 363 -53.23 28.51 -1.19
CA LEU B 363 -52.34 29.45 -0.53
C LEU B 363 -51.85 28.91 0.81
N VAL B 364 -52.71 28.18 1.52
CA VAL B 364 -52.30 27.58 2.77
C VAL B 364 -51.30 26.46 2.51
N ASP B 365 -51.69 25.51 1.64
CA ASP B 365 -50.89 24.31 1.45
C ASP B 365 -49.53 24.62 0.85
N SER B 366 -49.45 25.66 0.01
CA SER B 366 -48.16 26.11 -0.51
C SER B 366 -47.36 26.91 0.52
N GLU B 367 -47.90 27.16 1.70
CA GLU B 367 -47.28 27.98 2.74
C GLU B 367 -47.09 29.43 2.32
N LEU B 368 -47.71 29.87 1.21
CA LEU B 368 -47.75 31.31 0.96
C LEU B 368 -48.57 32.03 2.02
N GLN B 369 -49.52 31.35 2.66
CA GLN B 369 -50.32 31.91 3.73
C GLN B 369 -50.49 30.89 4.85
N PRO B 370 -50.65 31.34 6.09
CA PRO B 370 -50.66 30.41 7.23
C PRO B 370 -52.03 29.88 7.63
N SER B 371 -53.14 30.46 7.15
CA SER B 371 -54.48 29.99 7.50
C SER B 371 -55.49 30.49 6.47
N ARG B 372 -56.66 29.86 6.46
CA ARG B 372 -57.68 30.26 5.49
C ARG B 372 -58.21 31.66 5.79
N GLY B 373 -58.42 31.98 7.07
CA GLY B 373 -58.87 33.33 7.41
C GLY B 373 -57.90 34.39 6.92
N GLN B 374 -56.60 34.15 7.08
CA GLN B 374 -55.60 35.12 6.60
C GLN B 374 -55.55 35.16 5.08
N ALA B 375 -55.55 33.98 4.45
CA ALA B 375 -55.58 33.91 2.99
C ALA B 375 -56.74 34.71 2.41
N ARG B 376 -57.92 34.69 3.07
CA ARG B 376 -59.07 35.46 2.60
C ARG B 376 -58.73 36.94 2.48
N LYS B 377 -58.21 37.54 3.55
CA LYS B 377 -57.85 38.95 3.51
C LYS B 377 -56.82 39.22 2.42
N THR B 378 -55.77 38.40 2.38
CA THR B 378 -54.70 38.56 1.40
C THR B 378 -55.25 38.52 -0.02
N ILE B 379 -56.12 37.55 -0.31
CA ILE B 379 -56.75 37.54 -1.62
C ILE B 379 -57.55 38.81 -1.84
N ALA B 380 -58.30 39.23 -0.82
CA ALA B 380 -59.20 40.37 -0.98
C ALA B 380 -58.42 41.64 -1.25
N SER B 381 -57.19 41.69 -0.76
CA SER B 381 -56.33 42.86 -0.93
C SER B 381 -55.63 42.89 -2.30
N ASN B 382 -55.93 41.93 -3.18
CA ASN B 382 -55.42 41.93 -4.56
C ASN B 382 -53.93 41.59 -4.62
N ALA B 383 -53.46 40.74 -3.72
CA ALA B 383 -52.05 40.37 -3.67
C ALA B 383 -51.71 39.16 -4.53
N ILE B 384 -52.70 38.41 -4.98
CA ILE B 384 -52.49 37.08 -5.54
C ILE B 384 -52.70 37.13 -7.04
N THR B 385 -51.74 36.53 -7.78
CA THR B 385 -51.92 36.27 -9.20
C THR B 385 -52.03 34.77 -9.44
N ILE B 386 -52.83 34.42 -10.43
CA ILE B 386 -52.96 33.05 -10.92
C ILE B 386 -52.53 33.09 -12.38
N ASN B 387 -51.45 32.36 -12.70
CA ASN B 387 -50.80 32.41 -14.02
C ASN B 387 -50.61 33.84 -14.51
N GLY B 388 -50.24 34.74 -13.58
CA GLY B 388 -50.00 36.13 -13.90
C GLY B 388 -51.22 37.05 -13.93
N GLU B 389 -52.42 36.55 -13.65
CA GLU B 389 -53.62 37.38 -13.63
C GLU B 389 -54.09 37.58 -12.19
N LYS B 390 -54.42 38.82 -11.86
CA LYS B 390 -54.93 39.12 -10.54
C LYS B 390 -56.25 38.37 -10.30
N GLN B 391 -56.42 37.89 -9.07
CA GLN B 391 -57.67 37.24 -8.65
C GLN B 391 -57.93 37.66 -7.21
N SER B 392 -58.97 38.47 -6.99
CA SER B 392 -59.20 39.08 -5.69
C SER B 392 -60.47 38.57 -5.00
N ASP B 393 -61.13 37.54 -5.55
CA ASP B 393 -62.30 36.93 -4.92
C ASP B 393 -61.84 35.86 -3.92
N PRO B 394 -61.94 36.10 -2.62
CA PRO B 394 -61.42 35.14 -1.65
C PRO B 394 -62.04 33.76 -1.74
N GLU B 395 -63.23 33.68 -2.24
CA GLU B 395 -63.93 32.45 -2.36
C GLU B 395 -63.75 31.71 -3.69
N TYR B 396 -62.81 32.13 -4.51
CA TYR B 396 -62.57 31.58 -5.85
C TYR B 396 -62.11 30.12 -5.85
N PHE B 397 -62.63 29.35 -6.81
CA PHE B 397 -62.09 28.05 -7.22
C PHE B 397 -61.45 28.23 -8.60
N PHE B 398 -60.28 27.61 -8.78
CA PHE B 398 -59.59 27.61 -10.06
C PHE B 398 -60.51 27.08 -11.16
N LYS B 399 -60.36 27.66 -12.36
CA LYS B 399 -61.02 27.13 -13.54
C LYS B 399 -60.16 26.06 -14.20
N GLU B 400 -60.82 25.15 -14.91
CA GLU B 400 -60.10 24.08 -15.58
C GLU B 400 -59.04 24.63 -16.54
N GLU B 401 -59.33 25.75 -17.23
CA GLU B 401 -58.36 26.31 -18.17
C GLU B 401 -57.16 26.95 -17.47
N GLU B 402 -57.21 27.16 -16.17
CA GLU B 402 -56.08 27.65 -15.41
C GLU B 402 -55.15 26.53 -14.96
N ARG B 403 -55.50 25.27 -15.23
CA ARG B 403 -54.52 24.18 -15.09
C ARG B 403 -53.85 23.99 -16.44
N LEU B 404 -52.73 24.70 -16.65
CA LEU B 404 -52.06 24.67 -17.94
C LEU B 404 -51.52 23.28 -18.26
N PHE B 405 -51.76 22.84 -19.49
CA PHE B 405 -51.47 21.47 -19.92
C PHE B 405 -52.17 20.45 -19.04
N GLY B 406 -53.27 20.84 -18.41
CA GLY B 406 -53.96 20.01 -17.45
C GLY B 406 -53.25 19.81 -16.13
N ARG B 407 -52.08 20.41 -15.89
CA ARG B 407 -51.35 20.04 -14.68
C ARG B 407 -50.65 21.16 -13.94
N PHE B 408 -50.62 22.40 -14.45
CA PHE B 408 -49.77 23.42 -13.86
C PHE B 408 -50.54 24.71 -13.60
N THR B 409 -50.37 25.26 -12.41
CA THR B 409 -50.88 26.60 -12.13
C THR B 409 -49.88 27.32 -11.25
N LEU B 410 -49.43 28.49 -11.70
CA LEU B 410 -48.41 29.24 -10.98
C LEU B 410 -49.07 30.36 -10.18
N LEU B 411 -48.86 30.34 -8.87
CA LEU B 411 -49.33 31.39 -7.96
C LEU B 411 -48.19 32.34 -7.61
N ARG B 412 -48.49 33.64 -7.59
CA ARG B 412 -47.57 34.59 -7.00
C ARG B 412 -48.30 35.38 -5.93
N ARG B 413 -47.66 35.52 -4.77
CA ARG B 413 -48.15 36.42 -3.72
C ARG B 413 -47.30 37.67 -3.72
N GLY B 414 -47.96 38.84 -3.81
CA GLY B 414 -47.18 40.04 -3.90
C GLY B 414 -46.33 40.06 -5.16
N LYS B 415 -45.27 40.84 -5.12
CA LYS B 415 -44.52 41.11 -6.34
C LYS B 415 -43.54 40.00 -6.71
N LYS B 416 -43.22 39.08 -5.79
CA LYS B 416 -42.06 38.21 -6.01
C LYS B 416 -42.21 36.76 -5.57
N ASN B 417 -43.14 36.40 -4.68
CA ASN B 417 -43.15 35.06 -4.06
C ASN B 417 -43.97 34.10 -4.91
N TYR B 418 -43.31 33.17 -5.59
CA TYR B 418 -43.98 32.21 -6.47
C TYR B 418 -44.20 30.87 -5.78
N CYS B 419 -45.27 30.18 -6.18
CA CYS B 419 -45.35 28.75 -5.93
C CYS B 419 -46.10 28.05 -7.06
N LEU B 420 -45.52 26.96 -7.55
CA LEU B 420 -46.09 26.22 -8.67
C LEU B 420 -46.95 25.08 -8.13
N ILE B 421 -48.25 25.12 -8.43
CA ILE B 421 -49.14 24.02 -8.12
C ILE B 421 -49.01 22.97 -9.21
N CYS B 422 -48.63 21.75 -8.83
CA CYS B 422 -48.68 20.59 -9.71
C CYS B 422 -49.92 19.76 -9.36
N TRP B 423 -50.95 19.83 -10.21
CA TRP B 423 -52.21 19.15 -9.92
C TRP B 423 -52.05 17.64 -10.03
N LYS B 424 -52.53 16.93 -9.00
CA LYS B 424 -52.46 15.47 -9.01
C LYS B 424 -53.53 14.89 -9.89
#